data_6WV7
#
_entry.id   6WV7
#
_cell.length_a   42.564
_cell.length_b   82.567
_cell.length_c   78.782
_cell.angle_alpha   93.390
_cell.angle_beta   97.360
_cell.angle_gamma   104.210
#
_symmetry.space_group_name_H-M   'P 1'
#
loop_
_entity.id
_entity.type
_entity.pdbx_description
1 polymer 'Vitamin K epoxide reductase, termini restrained by green fluorescent protein'
2 non-polymer Chlorophacinone
3 water water
#
_entity_poly.entity_id   1
_entity_poly.type   'polypeptide(L)'
_entity_poly.pdbx_seq_one_letter_code
;MSKGEELFTGVVPILVELDGDVNGHKFSVRGEGEGDATNGKLTLKFICTTGKLPVPWPTLVTTL(CRO)VQCFSRYPDHM
KRHDFFKSAMPEGYVQERTISFKDDGTYKTRAEVKFEGDTLVNRIELKGIDFKEDGNILGHKLEYNSTWGSPGWVRLALC
LTGLVLSLYALHVKAARARDRDYRALCDVGTAISCSRVFSSRWGRGFGLVEHVLGQDSILNQSNSIFGCIFYTLQLLLGC
LRTRWASVLMLLSSLVSLAGSVYLAWILFFVLYDFCIVCITTYAINVSLMWLSFRKVQENSHNVYITADKQKNGIKANFK
IRHNVEDGSVQLADHYQQNTPIGDGPVLLPDNHYLSTQSVLSKDPNEKRDHMVLLEFVTAAGITHHHHHHHHHH
;
_entity_poly.pdbx_strand_id   A,B
#
# COMPACT_ATOMS: atom_id res chain seq x y z
N SER A 2 -9.35 -59.34 0.98
CA SER A 2 -8.95 -59.80 -0.35
C SER A 2 -7.67 -60.62 -0.32
N LYS A 3 -7.43 -61.38 -1.39
CA LYS A 3 -6.23 -62.21 -1.44
C LYS A 3 -4.98 -61.36 -1.47
N GLY A 4 -5.00 -60.26 -2.22
CA GLY A 4 -3.82 -59.42 -2.30
C GLY A 4 -3.34 -58.93 -0.95
N GLU A 5 -4.20 -58.99 0.07
CA GLU A 5 -3.80 -58.50 1.38
C GLU A 5 -2.58 -59.24 1.91
N GLU A 6 -2.43 -60.54 1.62
CA GLU A 6 -1.27 -61.15 2.27
C GLU A 6 0.05 -60.61 1.71
N LEU A 7 0.01 -59.88 0.60
CA LEU A 7 1.21 -59.27 0.06
C LEU A 7 1.68 -58.06 0.88
N PHE A 8 0.88 -57.57 1.81
CA PHE A 8 1.20 -56.30 2.44
C PHE A 8 1.41 -56.39 3.93
N THR A 9 1.33 -57.59 4.51
CA THR A 9 1.53 -57.73 5.95
C THR A 9 2.98 -57.65 6.37
N GLY A 10 3.93 -57.79 5.45
CA GLY A 10 5.33 -57.68 5.76
C GLY A 10 5.90 -56.34 5.34
N VAL A 11 7.22 -56.27 5.32
CA VAL A 11 7.92 -55.10 4.81
C VAL A 11 8.22 -55.35 3.34
N VAL A 12 7.74 -54.46 2.48
CA VAL A 12 7.78 -54.66 1.03
C VAL A 12 8.78 -53.68 0.42
N PRO A 13 9.73 -54.14 -0.39
CA PRO A 13 10.63 -53.21 -1.08
C PRO A 13 9.89 -52.48 -2.20
N ILE A 14 10.27 -51.22 -2.39
CA ILE A 14 9.59 -50.33 -3.31
C ILE A 14 10.60 -49.73 -4.28
N LEU A 15 10.26 -49.75 -5.56
CA LEU A 15 10.97 -49.05 -6.63
C LEU A 15 10.01 -48.08 -7.30
N VAL A 16 10.42 -46.84 -7.45
CA VAL A 16 9.64 -45.83 -8.13
C VAL A 16 10.49 -45.23 -9.24
N GLU A 17 9.91 -45.09 -10.43
CA GLU A 17 10.61 -44.57 -11.60
C GLU A 17 9.69 -43.57 -12.27
N LEU A 18 10.18 -42.35 -12.46
CA LEU A 18 9.40 -41.27 -13.03
C LEU A 18 10.23 -40.60 -14.11
N ASP A 19 9.64 -40.41 -15.28
CA ASP A 19 10.20 -39.52 -16.29
C ASP A 19 9.23 -38.39 -16.54
N GLY A 20 9.72 -37.17 -16.44
CA GLY A 20 8.87 -36.00 -16.50
C GLY A 20 9.35 -35.04 -17.57
N ASP A 21 8.46 -34.11 -17.89
CA ASP A 21 8.73 -33.08 -18.88
C ASP A 21 7.84 -31.90 -18.48
N VAL A 22 8.45 -30.84 -17.95
CA VAL A 22 7.69 -29.69 -17.47
C VAL A 22 8.13 -28.47 -18.25
N ASN A 23 7.22 -27.93 -19.07
CA ASN A 23 7.54 -26.80 -19.93
C ASN A 23 8.80 -27.10 -20.74
N GLY A 24 8.93 -28.36 -21.18
CA GLY A 24 10.06 -28.81 -21.96
C GLY A 24 11.31 -29.20 -21.17
N HIS A 25 11.36 -28.95 -19.86
CA HIS A 25 12.47 -29.38 -19.02
C HIS A 25 12.27 -30.84 -18.69
N LYS A 26 13.08 -31.71 -19.29
CA LYS A 26 12.93 -33.14 -19.10
C LYS A 26 13.79 -33.61 -17.95
N PHE A 27 13.29 -34.62 -17.23
CA PHE A 27 14.03 -35.10 -16.06
C PHE A 27 13.59 -36.50 -15.69
N SER A 28 14.41 -37.16 -14.87
CA SER A 28 14.11 -38.49 -14.38
C SER A 28 14.30 -38.52 -12.88
N VAL A 29 13.53 -39.37 -12.22
CA VAL A 29 13.61 -39.57 -10.78
C VAL A 29 13.52 -41.05 -10.51
N ARG A 30 14.37 -41.54 -9.63
CA ARG A 30 14.30 -42.91 -9.13
C ARG A 30 14.16 -42.86 -7.62
N GLY A 31 13.31 -43.72 -7.09
CA GLY A 31 13.14 -43.81 -5.66
C GLY A 31 13.21 -45.26 -5.21
N GLU A 32 13.74 -45.46 -4.02
CA GLU A 32 13.79 -46.80 -3.45
C GLU A 32 13.47 -46.73 -1.97
N GLY A 33 12.88 -47.80 -1.47
CA GLY A 33 12.59 -47.80 -0.04
C GLY A 33 11.75 -48.98 0.36
N GLU A 34 10.97 -48.79 1.41
CA GLU A 34 10.17 -49.91 1.91
C GLU A 34 8.87 -49.40 2.47
N GLY A 35 7.85 -50.24 2.33
CA GLY A 35 6.52 -49.95 2.83
C GLY A 35 6.08 -51.00 3.83
N ASP A 36 5.38 -50.54 4.86
CA ASP A 36 4.93 -51.34 6.00
C ASP A 36 3.45 -51.01 6.20
N ALA A 37 2.59 -51.70 5.45
CA ALA A 37 1.16 -51.39 5.48
C ALA A 37 0.55 -51.66 6.84
N THR A 38 1.12 -52.57 7.62
CA THR A 38 0.57 -52.82 8.95
C THR A 38 0.53 -51.54 9.76
N ASN A 39 1.55 -50.69 9.60
CA ASN A 39 1.62 -49.41 10.27
C ASN A 39 1.33 -48.27 9.31
N GLY A 40 0.91 -48.56 8.10
CA GLY A 40 0.68 -47.49 7.14
C GLY A 40 1.88 -46.59 6.99
N LYS A 41 3.07 -47.16 7.03
CA LYS A 41 4.31 -46.38 7.04
C LYS A 41 5.11 -46.68 5.79
N LEU A 42 5.58 -45.65 5.11
CA LEU A 42 6.52 -45.90 4.04
C LEU A 42 7.69 -44.93 4.18
N THR A 43 8.89 -45.43 3.88
CA THR A 43 10.10 -44.63 3.88
C THR A 43 10.80 -44.82 2.55
N LEU A 44 11.01 -43.71 1.84
CA LEU A 44 11.63 -43.80 0.52
C LEU A 44 12.64 -42.67 0.37
N LYS A 45 13.66 -42.92 -0.43
CA LYS A 45 14.59 -41.88 -0.87
C LYS A 45 14.49 -41.75 -2.37
N PHE A 46 14.39 -40.52 -2.85
CA PHE A 46 14.30 -40.22 -4.27
C PHE A 46 15.51 -39.41 -4.72
N ILE A 47 16.01 -39.74 -5.90
CA ILE A 47 17.11 -39.07 -6.55
C ILE A 47 16.63 -38.54 -7.88
N CYS A 48 17.06 -37.33 -8.24
CA CYS A 48 16.97 -36.86 -9.62
C CYS A 48 18.21 -37.36 -10.34
N THR A 49 18.04 -38.35 -11.21
CA THR A 49 19.18 -38.99 -11.87
C THR A 49 19.77 -38.14 -13.00
N THR A 50 19.02 -37.17 -13.52
CA THR A 50 19.43 -36.43 -14.70
C THR A 50 20.09 -35.10 -14.37
N GLY A 51 20.18 -34.75 -13.09
CA GLY A 51 20.77 -33.49 -12.68
C GLY A 51 19.90 -32.75 -11.68
N LYS A 52 19.70 -31.45 -11.90
CA LYS A 52 18.85 -30.65 -11.03
C LYS A 52 17.39 -30.77 -11.43
N LEU A 53 16.54 -30.97 -10.45
CA LEU A 53 15.10 -31.07 -10.72
C LEU A 53 14.56 -29.70 -11.11
N PRO A 54 13.85 -29.58 -12.24
CA PRO A 54 13.30 -28.28 -12.63
C PRO A 54 12.06 -27.86 -11.85
N VAL A 55 11.55 -28.68 -10.96
CA VAL A 55 10.40 -28.32 -10.14
C VAL A 55 10.72 -28.60 -8.68
N PRO A 56 9.98 -27.99 -7.76
CA PRO A 56 10.20 -28.26 -6.33
C PRO A 56 9.76 -29.68 -5.96
N TRP A 57 10.58 -30.32 -5.12
CA TRP A 57 10.27 -31.67 -4.64
C TRP A 57 8.89 -31.80 -4.02
N PRO A 58 8.41 -30.89 -3.16
CA PRO A 58 7.08 -31.10 -2.56
C PRO A 58 5.99 -31.34 -3.60
N THR A 59 6.07 -30.67 -4.76
CA THR A 59 5.05 -30.81 -5.79
C THR A 59 5.04 -32.18 -6.45
N LEU A 60 6.08 -32.99 -6.26
CA LEU A 60 6.12 -34.33 -6.82
C LEU A 60 5.74 -35.42 -5.81
N VAL A 61 5.51 -35.05 -4.55
CA VAL A 61 5.29 -36.05 -3.51
C VAL A 61 4.04 -36.89 -3.81
N THR A 62 2.96 -36.26 -4.26
CA THR A 62 1.75 -37.03 -4.48
C THR A 62 1.88 -37.99 -5.66
N THR A 63 2.68 -37.65 -6.67
CA THR A 63 2.90 -38.54 -7.81
C THR A 63 3.85 -39.67 -7.44
N LEU A 64 4.98 -39.35 -6.83
CA LEU A 64 5.99 -40.33 -6.42
C LEU A 64 5.47 -41.26 -5.34
N VAL A 66 1.65 -44.69 -4.01
CA VAL A 66 1.57 -46.11 -3.69
C VAL A 66 0.60 -46.31 -2.52
N GLN A 67 -0.65 -45.92 -2.74
CA GLN A 67 -1.67 -45.90 -1.70
C GLN A 67 -2.11 -47.29 -1.24
N CYS A 68 -1.58 -48.36 -1.85
CA CYS A 68 -1.79 -49.69 -1.31
C CYS A 68 -1.03 -49.92 0.01
N PHE A 69 -0.14 -49.00 0.41
CA PHE A 69 0.51 -49.07 1.71
C PHE A 69 -0.26 -48.31 2.80
N SER A 70 -1.45 -47.81 2.49
CA SER A 70 -2.28 -47.20 3.52
C SER A 70 -2.75 -48.26 4.51
N ARG A 71 -2.92 -47.85 5.76
CA ARG A 71 -3.42 -48.77 6.78
C ARG A 71 -4.94 -48.64 6.82
N TYR A 72 -5.62 -49.68 6.39
CA TYR A 72 -7.06 -49.75 6.53
C TYR A 72 -7.39 -50.45 7.84
N PRO A 73 -8.10 -49.81 8.76
CA PRO A 73 -8.43 -50.49 10.02
C PRO A 73 -9.24 -51.74 9.74
N ASP A 74 -9.34 -52.60 10.74
CA ASP A 74 -9.97 -53.90 10.52
C ASP A 74 -11.41 -53.76 10.04
N HIS A 75 -12.13 -52.74 10.53
CA HIS A 75 -13.53 -52.60 10.15
C HIS A 75 -13.70 -51.97 8.78
N MET A 76 -12.61 -51.62 8.09
CA MET A 76 -12.71 -51.03 6.76
C MET A 76 -11.99 -51.86 5.71
N LYS A 77 -11.63 -53.11 6.04
CA LYS A 77 -10.84 -53.91 5.13
C LYS A 77 -11.57 -54.17 3.82
N ARG A 78 -12.90 -54.19 3.85
CA ARG A 78 -13.65 -54.45 2.63
C ARG A 78 -13.70 -53.26 1.70
N HIS A 79 -13.06 -52.15 2.05
CA HIS A 79 -13.03 -50.97 1.20
C HIS A 79 -11.63 -50.65 0.69
N ASP A 80 -10.69 -51.58 0.85
CA ASP A 80 -9.30 -51.36 0.43
C ASP A 80 -9.17 -51.87 -1.01
N PHE A 81 -9.43 -50.98 -1.96
CA PHE A 81 -9.32 -51.34 -3.36
C PHE A 81 -7.88 -51.61 -3.75
N PHE A 82 -6.95 -50.78 -3.26
CA PHE A 82 -5.57 -50.82 -3.75
C PHE A 82 -4.96 -52.19 -3.52
N LYS A 83 -5.14 -52.76 -2.33
CA LYS A 83 -4.54 -54.07 -2.08
C LYS A 83 -5.24 -55.16 -2.87
N SER A 84 -6.55 -55.04 -3.09
CA SER A 84 -7.27 -56.08 -3.81
C SER A 84 -6.89 -56.13 -5.29
N ALA A 85 -6.33 -55.05 -5.84
CA ALA A 85 -5.88 -55.14 -7.23
C ALA A 85 -4.51 -55.80 -7.36
N MET A 86 -3.84 -56.08 -6.25
CA MET A 86 -2.54 -56.72 -6.33
C MET A 86 -2.69 -58.24 -6.41
N PRO A 87 -1.68 -58.94 -6.94
CA PRO A 87 -0.43 -58.34 -7.41
C PRO A 87 -0.45 -57.76 -8.83
N GLU A 88 -1.51 -58.01 -9.61
CA GLU A 88 -1.53 -57.51 -10.99
C GLU A 88 -1.42 -56.00 -11.06
N GLY A 89 -1.96 -55.28 -10.08
CA GLY A 89 -1.75 -53.84 -9.98
C GLY A 89 -2.90 -53.01 -10.51
N TYR A 90 -2.64 -51.70 -10.58
CA TYR A 90 -3.63 -50.77 -11.09
C TYR A 90 -2.93 -49.63 -11.82
N VAL A 91 -3.68 -49.01 -12.73
CA VAL A 91 -3.27 -47.79 -13.42
C VAL A 91 -3.84 -46.60 -12.65
N GLN A 92 -2.96 -45.67 -12.29
CA GLN A 92 -3.33 -44.46 -11.58
C GLN A 92 -3.02 -43.26 -12.46
N GLU A 93 -4.08 -42.51 -12.81
CA GLU A 93 -3.98 -41.32 -13.66
C GLU A 93 -4.40 -40.10 -12.85
N ARG A 94 -3.70 -38.99 -13.05
CA ARG A 94 -4.04 -37.77 -12.33
C ARG A 94 -3.95 -36.54 -13.22
N THR A 95 -4.76 -35.54 -12.89
CA THR A 95 -4.54 -34.17 -13.30
C THR A 95 -4.36 -33.35 -12.04
N ILE A 96 -3.26 -32.62 -11.96
CA ILE A 96 -2.97 -31.74 -10.85
C ILE A 96 -2.93 -30.33 -11.40
N SER A 97 -3.86 -29.52 -10.98
CA SER A 97 -3.97 -28.15 -11.46
C SER A 97 -3.44 -27.21 -10.38
N PHE A 98 -2.34 -26.54 -10.66
CA PHE A 98 -1.81 -25.57 -9.71
C PHE A 98 -2.49 -24.22 -9.91
N LYS A 99 -3.04 -23.67 -8.83
CA LYS A 99 -3.83 -22.45 -8.91
C LYS A 99 -3.00 -21.31 -9.50
N ASP A 100 -3.53 -20.67 -10.53
CA ASP A 100 -2.88 -19.53 -11.17
C ASP A 100 -1.53 -19.92 -11.80
N ASP A 101 -1.38 -21.18 -12.20
CA ASP A 101 -0.13 -21.61 -12.82
C ASP A 101 -0.43 -22.83 -13.71
N GLY A 102 0.55 -23.72 -13.86
CA GLY A 102 0.48 -24.78 -14.83
C GLY A 102 -0.25 -26.01 -14.33
N THR A 103 -0.12 -27.11 -15.09
CA THR A 103 -0.80 -28.35 -14.76
C THR A 103 0.11 -29.54 -14.98
N TYR A 104 0.05 -30.50 -14.05
CA TYR A 104 0.64 -31.81 -14.22
C TYR A 104 -0.42 -32.78 -14.73
N LYS A 105 -0.02 -33.66 -15.65
CA LYS A 105 -0.80 -34.82 -16.08
C LYS A 105 0.07 -36.05 -15.88
N THR A 106 -0.43 -37.02 -15.15
CA THR A 106 0.39 -38.18 -14.79
C THR A 106 -0.33 -39.47 -15.12
N ARG A 107 0.45 -40.47 -15.52
CA ARG A 107 -0.05 -41.82 -15.67
C ARG A 107 0.96 -42.79 -15.06
N ALA A 108 0.46 -43.76 -14.29
CA ALA A 108 1.31 -44.66 -13.54
C ALA A 108 0.76 -46.08 -13.61
N GLU A 109 1.66 -47.05 -13.70
CA GLU A 109 1.31 -48.45 -13.44
C GLU A 109 1.95 -48.85 -12.12
N VAL A 110 1.15 -49.42 -11.22
CA VAL A 110 1.62 -49.89 -9.93
C VAL A 110 1.34 -51.38 -9.89
N LYS A 111 2.40 -52.18 -10.00
CA LYS A 111 2.24 -53.63 -9.96
C LYS A 111 3.38 -54.26 -9.17
N PHE A 112 3.27 -55.56 -8.95
CA PHE A 112 4.35 -56.34 -8.38
C PHE A 112 5.19 -56.96 -9.49
N GLU A 113 6.50 -56.80 -9.40
CA GLU A 113 7.44 -57.48 -10.27
C GLU A 113 8.34 -58.31 -9.38
N GLY A 114 8.13 -59.62 -9.43
CA GLY A 114 8.72 -60.47 -8.41
C GLY A 114 8.17 -60.05 -7.06
N ASP A 115 9.09 -59.78 -6.14
CA ASP A 115 8.72 -59.30 -4.81
C ASP A 115 8.78 -57.78 -4.67
N THR A 116 9.07 -57.02 -5.73
CA THR A 116 9.17 -55.58 -5.59
C THR A 116 7.87 -54.92 -6.03
N LEU A 117 7.36 -54.00 -5.20
CA LEU A 117 6.25 -53.15 -5.58
C LEU A 117 6.81 -52.00 -6.40
N VAL A 118 6.37 -51.91 -7.65
CA VAL A 118 6.94 -50.98 -8.61
C VAL A 118 5.87 -49.96 -9.00
N ASN A 119 6.26 -48.68 -8.97
CA ASN A 119 5.43 -47.56 -9.42
C ASN A 119 6.15 -46.87 -10.58
N ARG A 120 5.63 -47.04 -11.80
CA ARG A 120 6.24 -46.41 -12.96
C ARG A 120 5.34 -45.30 -13.47
N ILE A 121 5.91 -44.10 -13.62
CA ILE A 121 5.15 -42.87 -13.82
C ILE A 121 5.69 -42.11 -15.02
N GLU A 122 4.78 -41.57 -15.82
CA GLU A 122 5.07 -40.53 -16.81
C GLU A 122 4.35 -39.26 -16.39
N LEU A 123 5.08 -38.14 -16.35
CA LEU A 123 4.56 -36.85 -15.93
C LEU A 123 4.80 -35.81 -17.02
N LYS A 124 3.72 -35.15 -17.44
CA LYS A 124 3.77 -34.06 -18.40
C LYS A 124 3.23 -32.80 -17.73
N GLY A 125 4.05 -31.76 -17.67
CA GLY A 125 3.60 -30.50 -17.11
C GLY A 125 3.59 -29.39 -18.15
N ILE A 126 2.51 -28.62 -18.21
CA ILE A 126 2.38 -27.59 -19.24
C ILE A 126 1.78 -26.31 -18.65
N ASP A 127 2.11 -25.19 -19.29
CA ASP A 127 1.57 -23.87 -19.00
C ASP A 127 2.06 -23.30 -17.68
N PHE A 128 3.27 -23.66 -17.26
CA PHE A 128 3.84 -23.09 -16.04
C PHE A 128 4.52 -21.75 -16.32
N LYS A 129 4.48 -20.87 -15.32
CA LYS A 129 5.07 -19.55 -15.39
C LYS A 129 6.53 -19.60 -14.93
N GLU A 130 7.44 -19.13 -15.77
CA GLU A 130 8.84 -19.20 -15.42
C GLU A 130 9.14 -18.42 -14.14
N ASP A 131 8.37 -17.37 -13.86
CA ASP A 131 8.52 -16.60 -12.63
C ASP A 131 7.60 -17.06 -11.52
N GLY A 132 6.78 -18.08 -11.74
CA GLY A 132 5.88 -18.55 -10.72
C GLY A 132 6.60 -19.32 -9.63
N ASN A 133 5.80 -19.91 -8.73
CA ASN A 133 6.36 -20.58 -7.57
C ASN A 133 7.01 -21.90 -7.93
N ILE A 134 6.63 -22.52 -9.04
CA ILE A 134 7.05 -23.88 -9.36
C ILE A 134 8.35 -23.81 -10.15
N LEU A 135 8.28 -23.34 -11.40
CA LEU A 135 9.51 -23.17 -12.16
C LEU A 135 10.46 -22.19 -11.51
N GLY A 136 9.96 -21.29 -10.67
CA GLY A 136 10.85 -20.38 -9.98
C GLY A 136 11.44 -20.91 -8.69
N HIS A 137 11.13 -22.15 -8.30
CA HIS A 137 11.67 -22.76 -7.07
C HIS A 137 11.46 -21.85 -5.86
N LYS A 138 10.20 -21.56 -5.58
CA LYS A 138 9.87 -20.66 -4.48
C LYS A 138 9.09 -21.34 -3.37
N LEU A 139 8.97 -22.67 -3.40
CA LEU A 139 8.27 -23.40 -2.37
C LEU A 139 9.23 -23.78 -1.25
N GLU A 140 8.69 -23.81 -0.04
CA GLU A 140 9.45 -24.30 1.10
C GLU A 140 9.53 -25.82 1.06
N TYR A 141 10.70 -26.33 1.41
CA TYR A 141 10.90 -27.78 1.41
C TYR A 141 10.27 -28.41 2.65
N ASN A 142 10.76 -28.03 3.83
CA ASN A 142 10.24 -28.61 5.06
C ASN A 142 10.42 -27.68 6.25
N SER A 143 10.54 -26.37 6.02
CA SER A 143 10.85 -25.46 7.10
C SER A 143 9.66 -25.32 8.03
N THR A 144 9.95 -25.21 9.33
CA THR A 144 8.94 -25.11 10.37
C THR A 144 8.61 -23.67 10.72
N TRP A 145 9.43 -22.71 10.32
CA TRP A 145 9.13 -21.30 10.44
C TRP A 145 9.55 -20.59 9.16
N GLY A 146 8.92 -19.44 8.92
CA GLY A 146 9.19 -18.70 7.70
C GLY A 146 8.48 -17.36 7.71
N SER A 147 8.45 -16.73 6.54
CA SER A 147 7.83 -15.43 6.40
C SER A 147 6.33 -15.52 6.73
N PRO A 148 5.77 -14.46 7.32
CA PRO A 148 4.31 -14.42 7.53
C PRO A 148 3.51 -14.06 6.30
N GLY A 149 4.12 -13.48 5.27
CA GLY A 149 3.37 -13.09 4.10
C GLY A 149 3.04 -11.61 4.11
N TRP A 150 3.16 -10.97 2.95
CA TRP A 150 2.89 -9.54 2.82
C TRP A 150 1.54 -9.16 3.43
N VAL A 151 0.48 -9.90 3.10
CA VAL A 151 -0.84 -9.54 3.59
C VAL A 151 -0.85 -9.52 5.11
N ARG A 152 -0.55 -10.66 5.72
CA ARG A 152 -0.54 -10.73 7.18
C ARG A 152 0.37 -9.67 7.77
N LEU A 153 1.51 -9.41 7.11
CA LEU A 153 2.44 -8.43 7.62
C LEU A 153 1.83 -7.03 7.62
N ALA A 154 1.11 -6.68 6.54
CA ALA A 154 0.48 -5.37 6.44
C ALA A 154 -0.63 -5.23 7.48
N LEU A 155 -1.53 -6.19 7.55
CA LEU A 155 -2.61 -6.13 8.55
C LEU A 155 -2.06 -6.00 9.97
N CYS A 156 -1.10 -6.86 10.32
CA CYS A 156 -0.62 -6.89 11.70
C CYS A 156 0.23 -5.67 12.04
N LEU A 157 1.08 -5.23 11.12
CA LEU A 157 1.89 -4.03 11.38
C LEU A 157 1.00 -2.80 11.50
N THR A 158 0.02 -2.68 10.60
CA THR A 158 -0.91 -1.57 10.71
C THR A 158 -1.66 -1.60 12.04
N GLY A 159 -2.18 -2.78 12.42
CA GLY A 159 -2.84 -2.90 13.70
C GLY A 159 -1.94 -2.54 14.87
N LEU A 160 -0.67 -2.95 14.79
CA LEU A 160 0.27 -2.69 15.88
C LEU A 160 0.60 -1.21 15.99
N VAL A 161 0.83 -0.54 14.86
CA VAL A 161 1.10 0.90 14.90
C VAL A 161 -0.10 1.64 15.44
N LEU A 162 -1.31 1.31 14.95
CA LEU A 162 -2.50 2.00 15.44
C LEU A 162 -2.70 1.77 16.94
N SER A 163 -2.42 0.56 17.42
CA SER A 163 -2.51 0.32 18.86
C SER A 163 -1.51 1.16 19.62
N LEU A 164 -0.26 1.22 19.12
CA LEU A 164 0.75 2.03 19.78
C LEU A 164 0.32 3.49 19.86
N TYR A 165 -0.19 4.03 18.75
CA TYR A 165 -0.60 5.42 18.77
C TYR A 165 -1.79 5.62 19.69
N ALA A 166 -2.73 4.67 19.69
CA ALA A 166 -3.88 4.74 20.60
C ALA A 166 -3.44 4.84 22.05
N LEU A 167 -2.50 3.98 22.46
CA LEU A 167 -1.95 4.04 23.80
C LEU A 167 -1.32 5.41 24.07
N HIS A 168 -0.54 5.91 23.10
CA HIS A 168 0.08 7.22 23.26
C HIS A 168 -0.98 8.31 23.45
N VAL A 169 -2.07 8.24 22.69
CA VAL A 169 -3.14 9.22 22.80
C VAL A 169 -3.78 9.15 24.19
N LYS A 170 -4.08 7.94 24.66
CA LYS A 170 -4.70 7.83 25.98
C LYS A 170 -3.83 8.50 27.05
N ALA A 171 -2.52 8.24 27.04
CA ALA A 171 -1.68 8.88 28.05
C ALA A 171 -1.62 10.39 27.87
N ALA A 172 -1.49 10.87 26.63
CA ALA A 172 -1.36 12.29 26.39
C ALA A 172 -2.64 13.05 26.75
N ARG A 173 -3.79 12.47 26.43
CA ARG A 173 -5.04 13.07 26.81
C ARG A 173 -5.25 13.05 28.31
N ALA A 174 -4.78 12.00 28.99
CA ALA A 174 -4.88 11.96 30.45
C ALA A 174 -3.95 12.96 31.11
N ARG A 175 -2.91 13.40 30.43
CA ARG A 175 -2.00 14.39 30.98
C ARG A 175 -2.33 15.80 30.50
N ASP A 176 -3.33 15.95 29.63
CA ASP A 176 -3.73 17.25 29.10
C ASP A 176 -5.09 17.19 28.40
N ARG A 177 -6.08 17.90 28.95
CA ARG A 177 -7.41 17.87 28.38
C ARG A 177 -7.46 18.49 26.98
N ASP A 178 -6.62 19.48 26.72
CA ASP A 178 -6.59 20.14 25.42
C ASP A 178 -5.76 19.38 24.39
N TYR A 179 -5.26 18.20 24.72
CA TYR A 179 -4.56 17.40 23.74
C TYR A 179 -5.50 17.02 22.61
N ARG A 180 -5.05 17.25 21.37
CA ARG A 180 -5.81 16.85 20.20
C ARG A 180 -4.99 15.83 19.43
N ALA A 181 -5.54 14.62 19.29
CA ALA A 181 -4.87 13.53 18.60
C ALA A 181 -4.97 13.70 17.08
N LEU A 182 -4.17 12.90 16.35
CA LEU A 182 -4.32 12.88 14.89
C LEU A 182 -5.71 12.42 14.49
N CYS A 183 -6.25 11.41 15.18
CA CYS A 183 -7.58 10.91 14.90
C CYS A 183 -8.71 11.76 15.50
N ASP A 184 -8.40 12.87 16.17
CA ASP A 184 -9.43 13.83 16.57
C ASP A 184 -9.75 14.71 15.36
N VAL A 185 -10.75 14.27 14.59
CA VAL A 185 -11.10 14.89 13.31
C VAL A 185 -12.05 16.06 13.48
N GLY A 186 -13.04 15.92 14.35
CA GLY A 186 -14.03 16.94 14.61
C GLY A 186 -14.73 16.67 15.92
N THR A 187 -15.60 17.61 16.30
CA THR A 187 -16.35 17.50 17.55
C THR A 187 -17.13 16.19 17.65
N ALA A 188 -17.41 15.54 16.52
CA ALA A 188 -18.07 14.24 16.47
C ALA A 188 -17.14 13.09 16.14
N ILE A 189 -15.87 13.36 15.86
CA ILE A 189 -14.89 12.31 15.56
C ILE A 189 -13.68 12.59 16.45
N SER A 190 -13.67 12.00 17.64
CA SER A 190 -12.63 12.25 18.63
C SER A 190 -12.21 10.90 19.20
N CYS A 191 -11.08 10.37 18.71
CA CYS A 191 -10.56 9.14 19.30
C CYS A 191 -10.09 9.37 20.74
N SER A 192 -9.64 10.58 21.07
CA SER A 192 -9.31 10.89 22.46
C SER A 192 -10.48 10.57 23.35
N ARG A 193 -11.68 11.00 22.96
CA ARG A 193 -12.87 10.73 23.77
C ARG A 193 -13.18 9.25 23.81
N VAL A 194 -12.98 8.54 22.70
CA VAL A 194 -13.27 7.11 22.66
C VAL A 194 -12.34 6.34 23.60
N PHE A 195 -11.02 6.49 23.41
CA PHE A 195 -10.05 5.70 24.17
C PHE A 195 -10.14 5.98 25.67
N SER A 196 -10.48 7.20 26.07
CA SER A 196 -10.58 7.54 27.47
C SER A 196 -11.95 7.21 28.07
N SER A 197 -12.87 6.67 27.29
CA SER A 197 -14.14 6.21 27.85
C SER A 197 -13.91 4.91 28.62
N ARG A 198 -14.89 4.55 29.47
CA ARG A 198 -14.76 3.33 30.25
C ARG A 198 -14.73 2.08 29.39
N TRP A 199 -15.23 2.16 28.16
CA TRP A 199 -15.12 1.06 27.20
C TRP A 199 -13.75 0.97 26.57
N GLY A 200 -12.87 1.94 26.85
CA GLY A 200 -11.49 1.94 26.42
C GLY A 200 -10.56 1.12 27.29
N ARG A 201 -11.07 0.57 28.40
CA ARG A 201 -10.27 -0.27 29.28
C ARG A 201 -11.03 -1.57 29.52
N GLY A 202 -10.37 -2.70 29.26
CA GLY A 202 -11.03 -3.98 29.44
C GLY A 202 -12.32 -4.13 28.68
N PHE A 203 -12.50 -3.38 27.60
CA PHE A 203 -13.75 -3.39 26.82
C PHE A 203 -14.94 -2.91 27.64
N GLY A 204 -14.69 -2.19 28.74
CA GLY A 204 -15.76 -1.83 29.64
C GLY A 204 -16.48 -3.00 30.27
N LEU A 205 -15.87 -4.19 30.21
CA LEU A 205 -16.46 -5.42 30.75
C LEU A 205 -15.63 -6.05 31.87
N VAL A 206 -14.30 -5.95 31.81
CA VAL A 206 -13.47 -6.64 32.79
C VAL A 206 -13.80 -6.23 34.22
N GLU A 207 -14.29 -5.02 34.43
CA GLU A 207 -14.60 -4.59 35.80
C GLU A 207 -15.76 -5.40 36.39
N HIS A 208 -16.81 -5.62 35.60
CA HIS A 208 -18.02 -6.29 36.08
C HIS A 208 -17.85 -7.79 36.28
N VAL A 209 -16.73 -8.37 35.86
CA VAL A 209 -16.50 -9.80 35.99
C VAL A 209 -15.30 -10.11 36.89
N LEU A 210 -14.15 -9.53 36.59
CA LEU A 210 -12.96 -9.76 37.38
C LEU A 210 -12.63 -8.60 38.31
N GLY A 211 -13.37 -7.50 38.24
CA GLY A 211 -13.14 -6.34 39.07
C GLY A 211 -12.08 -5.41 38.51
N GLN A 212 -11.98 -4.24 39.13
CA GLN A 212 -11.14 -3.17 38.58
C GLN A 212 -9.65 -3.33 38.82
N ASP A 213 -9.23 -4.16 39.77
CA ASP A 213 -7.81 -4.36 40.04
C ASP A 213 -7.20 -5.46 39.20
N SER A 214 -8.04 -6.23 38.48
CA SER A 214 -7.55 -7.33 37.67
C SER A 214 -6.45 -6.87 36.73
N ILE A 215 -5.51 -7.77 36.46
CA ILE A 215 -4.41 -7.45 35.55
C ILE A 215 -4.87 -7.60 34.11
N LEU A 216 -6.06 -8.17 33.89
CA LEU A 216 -6.70 -8.18 32.58
C LEU A 216 -7.41 -6.88 32.25
N ASN A 217 -7.47 -5.94 33.20
CA ASN A 217 -8.14 -4.66 33.00
C ASN A 217 -7.16 -3.63 32.41
N GLN A 218 -6.61 -3.98 31.25
CA GLN A 218 -5.67 -3.14 30.53
C GLN A 218 -6.39 -2.33 29.45
N SER A 219 -5.75 -1.23 29.02
CA SER A 219 -6.28 -0.50 27.88
C SER A 219 -6.50 -1.46 26.72
N ASN A 220 -7.62 -1.30 26.03
CA ASN A 220 -7.92 -2.19 24.92
C ASN A 220 -6.74 -2.28 23.95
N SER A 221 -6.03 -1.16 23.75
CA SER A 221 -4.90 -1.15 22.83
C SER A 221 -3.73 -2.00 23.32
N ILE A 222 -3.62 -2.26 24.62
CA ILE A 222 -2.64 -3.25 25.08
C ILE A 222 -2.96 -4.61 24.48
N PHE A 223 -4.22 -5.03 24.61
CA PHE A 223 -4.65 -6.25 23.94
C PHE A 223 -4.37 -6.16 22.45
N GLY A 224 -4.53 -4.97 21.87
CA GLY A 224 -4.17 -4.80 20.47
C GLY A 224 -2.72 -5.16 20.20
N CYS A 225 -1.81 -4.62 20.99
CA CYS A 225 -0.39 -4.89 20.79
C CYS A 225 -0.12 -6.39 20.87
N ILE A 226 -0.61 -7.05 21.91
CA ILE A 226 -0.34 -8.47 22.06
C ILE A 226 -0.99 -9.25 20.92
N PHE A 227 -2.23 -8.88 20.58
CA PHE A 227 -2.99 -9.60 19.57
C PHE A 227 -2.30 -9.55 18.21
N TYR A 228 -1.98 -8.34 17.73
CA TYR A 228 -1.35 -8.22 16.43
C TYR A 228 0.04 -8.82 16.43
N THR A 229 0.76 -8.72 17.57
CA THR A 229 2.07 -9.34 17.64
C THR A 229 1.98 -10.86 17.50
N LEU A 230 1.06 -11.48 18.25
CA LEU A 230 0.91 -12.92 18.18
C LEU A 230 0.36 -13.36 16.84
N GLN A 231 -0.58 -12.62 16.27
CA GLN A 231 -1.03 -12.91 14.91
C GLN A 231 0.16 -12.91 13.95
N LEU A 232 1.10 -11.99 14.15
CA LEU A 232 2.23 -11.92 13.22
C LEU A 232 3.23 -13.05 13.46
N LEU A 233 3.50 -13.43 14.71
CA LEU A 233 4.43 -14.52 14.95
C LEU A 233 3.83 -15.87 14.61
N LEU A 234 2.56 -16.09 14.95
CA LEU A 234 1.89 -17.32 14.54
C LEU A 234 1.82 -17.41 13.03
N GLY A 235 1.73 -16.27 12.34
CA GLY A 235 1.85 -16.33 10.89
C GLY A 235 3.18 -16.89 10.43
N CYS A 236 4.20 -16.88 11.29
CA CYS A 236 5.52 -17.40 10.94
C CYS A 236 5.67 -18.88 11.21
N LEU A 237 4.76 -19.50 11.96
CA LEU A 237 4.85 -20.91 12.23
C LEU A 237 4.03 -21.69 11.21
N ARG A 238 4.44 -22.92 10.97
CA ARG A 238 3.86 -23.76 9.93
C ARG A 238 3.28 -25.03 10.52
N THR A 239 2.55 -24.91 11.63
CA THR A 239 1.94 -26.06 12.29
C THR A 239 0.45 -25.81 12.49
N ARG A 240 -0.28 -26.91 12.66
CA ARG A 240 -1.73 -26.86 12.85
C ARG A 240 -2.12 -25.99 14.04
N TRP A 241 -1.45 -26.19 15.18
CA TRP A 241 -1.88 -25.52 16.40
C TRP A 241 -1.72 -24.00 16.32
N ALA A 242 -0.70 -23.52 15.60
CA ALA A 242 -0.60 -22.08 15.40
C ALA A 242 -1.82 -21.56 14.66
N SER A 243 -2.33 -22.35 13.71
CA SER A 243 -3.52 -21.94 12.98
C SER A 243 -4.72 -21.86 13.90
N VAL A 244 -4.93 -22.88 14.73
CA VAL A 244 -6.10 -22.84 15.61
C VAL A 244 -6.01 -21.66 16.56
N LEU A 245 -4.83 -21.40 17.12
CA LEU A 245 -4.69 -20.24 17.99
C LEU A 245 -5.05 -18.95 17.25
N MET A 246 -4.57 -18.81 16.00
CA MET A 246 -4.93 -17.63 15.22
C MET A 246 -6.45 -17.51 15.07
N LEU A 247 -7.12 -18.64 14.90
CA LEU A 247 -8.57 -18.61 14.72
C LEU A 247 -9.26 -18.18 16.02
N LEU A 248 -8.86 -18.75 17.15
CA LEU A 248 -9.51 -18.42 18.41
C LEU A 248 -9.30 -16.95 18.76
N SER A 249 -8.05 -16.48 18.68
CA SER A 249 -7.79 -15.07 18.94
C SER A 249 -8.58 -14.19 17.99
N SER A 250 -8.68 -14.59 16.72
CA SER A 250 -9.49 -13.81 15.77
C SER A 250 -10.95 -13.76 16.20
N LEU A 251 -11.49 -14.87 16.73
CA LEU A 251 -12.87 -14.85 17.18
C LEU A 251 -13.08 -13.90 18.36
N VAL A 252 -12.18 -13.95 19.35
CA VAL A 252 -12.30 -13.03 20.47
C VAL A 252 -12.26 -11.59 19.99
N SER A 253 -11.27 -11.26 19.14
CA SER A 253 -11.18 -9.91 18.60
C SER A 253 -12.44 -9.55 17.83
N LEU A 254 -13.05 -10.51 17.14
CA LEU A 254 -14.30 -10.24 16.43
C LEU A 254 -15.42 -9.85 17.38
N ALA A 255 -15.61 -10.64 18.44
CA ALA A 255 -16.65 -10.31 19.41
C ALA A 255 -16.42 -8.93 20.00
N GLY A 256 -15.19 -8.67 20.44
CA GLY A 256 -14.89 -7.38 21.02
C GLY A 256 -15.09 -6.25 20.04
N SER A 257 -14.84 -6.49 18.76
CA SER A 257 -15.02 -5.42 17.77
C SER A 257 -16.49 -5.15 17.53
N VAL A 258 -17.31 -6.20 17.46
CA VAL A 258 -18.73 -5.95 17.27
C VAL A 258 -19.28 -5.16 18.44
N TYR A 259 -18.89 -5.55 19.66
CA TYR A 259 -19.37 -4.83 20.84
C TYR A 259 -18.89 -3.38 20.81
N LEU A 260 -17.61 -3.16 20.52
CA LEU A 260 -17.10 -1.81 20.52
C LEU A 260 -17.72 -0.96 19.42
N ALA A 261 -18.05 -1.54 18.27
CA ALA A 261 -18.75 -0.77 17.24
C ALA A 261 -20.12 -0.36 17.72
N TRP A 262 -20.82 -1.28 18.39
CA TRP A 262 -22.12 -0.94 18.94
C TRP A 262 -21.99 0.25 19.89
N ILE A 263 -21.00 0.21 20.79
CA ILE A 263 -20.74 1.35 21.67
C ILE A 263 -20.49 2.60 20.85
N LEU A 264 -19.66 2.48 19.82
CA LEU A 264 -19.25 3.63 19.02
C LEU A 264 -20.45 4.35 18.42
N PHE A 265 -21.45 3.60 17.97
CA PHE A 265 -22.53 4.25 17.22
C PHE A 265 -23.77 4.52 18.06
N PHE A 266 -23.98 3.79 19.16
CA PHE A 266 -25.21 3.92 19.92
C PHE A 266 -25.03 4.49 21.33
N VAL A 267 -23.81 4.51 21.86
CA VAL A 267 -23.53 5.06 23.17
C VAL A 267 -22.71 6.35 23.08
N LEU A 268 -21.57 6.31 22.39
CA LEU A 268 -20.72 7.48 22.28
C LEU A 268 -21.10 8.44 21.16
N TYR A 269 -21.89 7.99 20.18
CA TYR A 269 -22.26 8.81 19.02
C TYR A 269 -21.03 9.41 18.36
N ASP A 270 -20.09 8.54 17.96
CA ASP A 270 -18.79 8.92 17.45
C ASP A 270 -18.43 8.06 16.25
N PHE A 271 -17.95 8.69 15.19
CA PHE A 271 -17.53 7.96 13.98
C PHE A 271 -16.00 7.87 13.94
N CYS A 272 -15.46 7.05 14.82
CA CYS A 272 -14.01 6.97 15.01
C CYS A 272 -13.36 6.21 13.86
N ILE A 273 -12.64 6.95 12.99
CA ILE A 273 -12.10 6.37 11.76
C ILE A 273 -11.05 5.31 12.07
N VAL A 274 -10.19 5.56 13.05
CA VAL A 274 -9.18 4.58 13.42
C VAL A 274 -9.85 3.33 14.00
N CYS A 275 -10.95 3.50 14.71
CA CYS A 275 -11.63 2.35 15.28
C CYS A 275 -12.22 1.48 14.18
N ILE A 276 -12.91 2.10 13.22
CA ILE A 276 -13.46 1.36 12.10
C ILE A 276 -12.35 0.63 11.36
N THR A 277 -11.21 1.29 11.23
CA THR A 277 -10.09 0.66 10.56
C THR A 277 -9.63 -0.61 11.27
N THR A 278 -9.50 -0.56 12.60
CA THR A 278 -9.10 -1.78 13.28
C THR A 278 -10.17 -2.86 13.21
N TYR A 279 -11.46 -2.47 13.17
CA TYR A 279 -12.50 -3.48 12.97
C TYR A 279 -12.31 -4.18 11.63
N ALA A 280 -12.06 -3.41 10.56
CA ALA A 280 -11.88 -4.01 9.25
C ALA A 280 -10.66 -4.91 9.23
N ILE A 281 -9.55 -4.46 9.81
CA ILE A 281 -8.38 -5.32 9.87
C ILE A 281 -8.71 -6.62 10.60
N ASN A 282 -9.50 -6.51 11.67
CA ASN A 282 -9.83 -7.70 12.46
C ASN A 282 -10.73 -8.66 11.69
N VAL A 283 -11.62 -8.14 10.84
CA VAL A 283 -12.41 -9.06 10.02
C VAL A 283 -11.51 -9.72 8.99
N SER A 284 -10.56 -8.96 8.42
CA SER A 284 -9.60 -9.54 7.49
C SER A 284 -8.85 -10.69 8.14
N LEU A 285 -8.33 -10.48 9.35
CA LEU A 285 -7.60 -11.53 10.03
C LEU A 285 -8.52 -12.69 10.39
N MET A 286 -9.78 -12.40 10.69
CA MET A 286 -10.74 -13.47 10.94
C MET A 286 -10.87 -14.36 9.71
N TRP A 287 -11.06 -13.75 8.54
CA TRP A 287 -11.20 -14.51 7.31
C TRP A 287 -9.92 -15.25 6.96
N LEU A 288 -8.75 -14.63 7.20
CA LEU A 288 -7.49 -15.31 6.91
C LEU A 288 -7.28 -16.51 7.80
N SER A 289 -7.55 -16.39 9.11
CA SER A 289 -7.35 -17.52 10.01
C SER A 289 -8.38 -18.61 9.76
N PHE A 290 -9.59 -18.21 9.36
CA PHE A 290 -10.62 -19.17 8.95
C PHE A 290 -10.16 -19.96 7.73
N ARG A 291 -9.66 -19.25 6.71
CA ARG A 291 -9.16 -19.94 5.53
C ARG A 291 -7.96 -20.82 5.86
N LYS A 292 -7.07 -20.34 6.73
CA LYS A 292 -5.90 -21.14 7.13
C LYS A 292 -6.34 -22.47 7.72
N VAL A 293 -7.30 -22.40 8.66
CA VAL A 293 -7.81 -23.62 9.29
C VAL A 293 -8.43 -24.55 8.26
N GLN A 294 -9.15 -24.00 7.28
CA GLN A 294 -9.69 -24.85 6.22
C GLN A 294 -8.58 -25.49 5.37
N GLU A 295 -7.51 -24.74 5.09
CA GLU A 295 -6.38 -25.20 4.30
C GLU A 295 -5.53 -26.24 5.04
N ASN A 296 -5.83 -26.51 6.31
CA ASN A 296 -5.06 -27.48 7.07
C ASN A 296 -5.39 -28.95 6.75
N SER A 297 -6.52 -29.21 6.09
CA SER A 297 -6.95 -30.58 5.80
C SER A 297 -6.13 -31.22 4.70
N HIS A 298 -5.64 -32.44 4.96
CA HIS A 298 -4.78 -33.18 4.02
C HIS A 298 -5.41 -34.49 3.55
N ASN A 299 -6.74 -34.58 3.47
CA ASN A 299 -7.38 -35.86 3.19
C ASN A 299 -7.59 -36.13 1.71
N VAL A 300 -7.50 -37.41 1.35
CA VAL A 300 -7.78 -37.90 0.01
C VAL A 300 -9.17 -38.50 0.02
N TYR A 301 -10.10 -37.91 -0.72
CA TYR A 301 -11.49 -38.36 -0.71
C TYR A 301 -11.72 -39.35 -1.83
N ILE A 302 -12.09 -40.58 -1.45
CA ILE A 302 -12.18 -41.73 -2.33
C ILE A 302 -13.64 -42.16 -2.47
N THR A 303 -14.05 -42.40 -3.72
CA THR A 303 -15.36 -42.96 -4.03
C THR A 303 -15.19 -44.04 -5.10
N ALA A 304 -16.10 -45.00 -5.10
CA ALA A 304 -16.04 -46.08 -6.07
C ALA A 304 -16.46 -45.57 -7.45
N ASP A 305 -15.79 -46.08 -8.48
CA ASP A 305 -16.11 -45.81 -9.88
C ASP A 305 -16.40 -47.16 -10.56
N LYS A 306 -17.67 -47.54 -10.56
CA LYS A 306 -18.08 -48.82 -11.11
C LYS A 306 -17.86 -48.88 -12.60
N GLN A 307 -18.02 -47.75 -13.29
CA GLN A 307 -17.85 -47.71 -14.75
C GLN A 307 -16.43 -48.07 -15.16
N LYS A 308 -15.45 -47.87 -14.28
CA LYS A 308 -14.09 -48.31 -14.54
C LYS A 308 -13.64 -49.40 -13.58
N ASN A 309 -14.56 -50.01 -12.83
CA ASN A 309 -14.24 -51.07 -11.89
C ASN A 309 -13.10 -50.65 -10.96
N GLY A 310 -13.01 -49.36 -10.65
CA GLY A 310 -11.92 -48.88 -9.84
C GLY A 310 -12.40 -47.81 -8.90
N ILE A 311 -11.57 -46.80 -8.63
CA ILE A 311 -11.96 -45.73 -7.72
C ILE A 311 -11.59 -44.40 -8.35
N LYS A 312 -12.19 -43.34 -7.81
CA LYS A 312 -11.82 -41.98 -8.13
C LYS A 312 -11.62 -41.22 -6.84
N ALA A 313 -10.76 -40.21 -6.88
CA ALA A 313 -10.50 -39.44 -5.68
C ALA A 313 -10.20 -38.01 -6.07
N ASN A 314 -10.43 -37.10 -5.14
CA ASN A 314 -10.04 -35.71 -5.39
C ASN A 314 -9.63 -35.07 -4.09
N PHE A 315 -8.74 -34.09 -4.17
CA PHE A 315 -8.27 -33.46 -2.95
C PHE A 315 -7.46 -32.23 -3.29
N LYS A 316 -7.17 -31.43 -2.27
CA LYS A 316 -6.42 -30.19 -2.40
C LYS A 316 -5.17 -30.25 -1.55
N ILE A 317 -4.03 -29.99 -2.15
CA ILE A 317 -2.78 -29.82 -1.44
C ILE A 317 -2.43 -28.34 -1.43
N ARG A 318 -1.95 -27.86 -0.28
CA ARG A 318 -1.46 -26.49 -0.19
C ARG A 318 0.02 -26.51 0.15
N HIS A 319 0.85 -25.95 -0.74
CA HIS A 319 2.29 -25.86 -0.55
C HIS A 319 2.68 -24.48 -0.03
N ASN A 320 3.47 -24.45 1.03
CA ASN A 320 3.95 -23.19 1.56
C ASN A 320 4.96 -22.54 0.62
N VAL A 321 4.79 -21.25 0.42
CA VAL A 321 5.65 -20.44 -0.44
C VAL A 321 6.58 -19.61 0.42
N GLU A 322 7.81 -19.42 -0.07
CA GLU A 322 8.82 -18.78 0.76
C GLU A 322 8.42 -17.36 1.14
N ASP A 323 7.60 -16.70 0.31
CA ASP A 323 7.14 -15.35 0.64
C ASP A 323 6.01 -15.34 1.67
N GLY A 324 5.62 -16.51 2.19
CA GLY A 324 4.57 -16.62 3.18
C GLY A 324 3.20 -16.90 2.61
N SER A 325 3.05 -16.90 1.30
CA SER A 325 1.77 -17.22 0.70
C SER A 325 1.65 -18.74 0.57
N VAL A 326 0.56 -19.19 -0.07
CA VAL A 326 0.28 -20.62 -0.23
C VAL A 326 -0.04 -20.88 -1.69
N GLN A 327 0.37 -22.06 -2.17
CA GLN A 327 0.14 -22.50 -3.54
C GLN A 327 -0.82 -23.68 -3.51
N LEU A 328 -1.96 -23.52 -4.16
CA LEU A 328 -2.97 -24.57 -4.23
C LEU A 328 -2.68 -25.53 -5.38
N ALA A 329 -2.89 -26.82 -5.13
CA ALA A 329 -2.76 -27.88 -6.13
C ALA A 329 -4.01 -28.75 -6.03
N ASP A 330 -4.91 -28.61 -7.01
CA ASP A 330 -6.15 -29.37 -7.07
C ASP A 330 -5.88 -30.69 -7.78
N HIS A 331 -6.01 -31.80 -7.04
CA HIS A 331 -5.76 -33.13 -7.56
C HIS A 331 -7.08 -33.81 -7.93
N TYR A 332 -7.15 -34.33 -9.15
CA TYR A 332 -8.19 -35.25 -9.58
C TYR A 332 -7.54 -36.55 -10.03
N GLN A 333 -8.08 -37.67 -9.54
CA GLN A 333 -7.40 -38.96 -9.59
C GLN A 333 -8.34 -40.09 -10.00
N GLN A 334 -7.80 -41.03 -10.79
CA GLN A 334 -8.51 -42.24 -11.25
C GLN A 334 -7.63 -43.47 -11.09
N ASN A 335 -8.19 -44.55 -10.55
CA ASN A 335 -7.51 -45.83 -10.47
C ASN A 335 -8.35 -46.91 -11.13
N THR A 336 -7.70 -47.75 -11.95
CA THR A 336 -8.33 -48.83 -12.67
C THR A 336 -7.49 -50.09 -12.50
N PRO A 337 -8.10 -51.26 -12.31
CA PRO A 337 -7.28 -52.47 -12.16
C PRO A 337 -6.64 -52.89 -13.48
N ILE A 338 -5.41 -53.40 -13.37
CA ILE A 338 -4.70 -53.94 -14.53
C ILE A 338 -5.16 -55.35 -14.85
N GLY A 339 -5.32 -56.20 -13.83
CA GLY A 339 -5.74 -57.57 -14.03
C GLY A 339 -7.24 -57.67 -14.16
N ASP A 340 -7.70 -58.91 -14.32
CA ASP A 340 -9.11 -59.17 -14.58
C ASP A 340 -9.82 -59.87 -13.43
N GLY A 341 -9.11 -60.17 -12.34
CA GLY A 341 -9.72 -60.76 -11.18
C GLY A 341 -10.50 -59.75 -10.37
N PRO A 342 -11.17 -60.24 -9.31
CA PRO A 342 -12.10 -59.38 -8.56
C PRO A 342 -11.38 -58.34 -7.73
N VAL A 343 -12.00 -57.16 -7.61
CA VAL A 343 -11.47 -56.08 -6.78
C VAL A 343 -12.57 -55.58 -5.88
N LEU A 344 -12.17 -54.88 -4.83
CA LEU A 344 -13.11 -54.28 -3.89
C LEU A 344 -13.44 -52.87 -4.35
N LEU A 345 -14.74 -52.59 -4.47
CA LEU A 345 -15.13 -51.21 -4.73
C LEU A 345 -15.67 -50.64 -3.44
N PRO A 346 -15.06 -49.58 -2.91
CA PRO A 346 -15.38 -49.13 -1.55
C PRO A 346 -16.57 -48.18 -1.49
N ASP A 347 -17.08 -48.02 -0.26
CA ASP A 347 -17.92 -46.90 0.07
C ASP A 347 -17.07 -45.63 0.16
N ASN A 348 -17.75 -44.49 0.20
CA ASN A 348 -17.05 -43.23 0.34
C ASN A 348 -16.19 -43.24 1.59
N HIS A 349 -14.95 -42.78 1.47
CA HIS A 349 -14.13 -42.63 2.66
C HIS A 349 -12.96 -41.73 2.29
N TYR A 350 -11.98 -41.64 3.19
CA TYR A 350 -10.82 -40.82 2.87
C TYR A 350 -9.57 -41.44 3.48
N LEU A 351 -8.43 -41.02 2.94
CA LEU A 351 -7.13 -41.35 3.49
C LEU A 351 -6.55 -40.12 4.16
N SER A 352 -5.98 -40.31 5.35
CA SER A 352 -5.32 -39.28 6.12
C SER A 352 -3.83 -39.54 6.03
N THR A 353 -3.11 -38.57 5.50
CA THR A 353 -1.70 -38.76 5.22
C THR A 353 -0.88 -37.67 5.90
N GLN A 354 0.27 -38.06 6.40
CA GLN A 354 1.24 -37.16 7.01
C GLN A 354 2.59 -37.42 6.38
N SER A 355 3.22 -36.37 5.88
CA SER A 355 4.51 -36.44 5.20
C SER A 355 5.56 -35.69 6.01
N VAL A 356 6.76 -36.25 6.04
CA VAL A 356 7.93 -35.58 6.61
C VAL A 356 9.02 -35.65 5.55
N LEU A 357 9.37 -34.49 5.01
CA LEU A 357 10.45 -34.37 4.03
C LEU A 357 11.71 -33.97 4.76
N SER A 358 12.84 -34.56 4.34
CA SER A 358 14.12 -34.23 4.92
C SER A 358 15.20 -34.45 3.87
N LYS A 359 16.42 -34.08 4.24
CA LYS A 359 17.56 -34.22 3.35
C LYS A 359 18.53 -35.24 3.90
N ASP A 360 19.20 -35.95 2.99
CA ASP A 360 20.26 -36.87 3.36
C ASP A 360 21.56 -36.08 3.40
N PRO A 361 22.18 -35.88 4.56
CA PRO A 361 23.41 -35.09 4.63
C PRO A 361 24.56 -35.67 3.80
N ASN A 362 24.48 -36.92 3.38
CA ASN A 362 25.55 -37.57 2.62
C ASN A 362 25.27 -37.63 1.12
N GLU A 363 24.16 -37.07 0.66
CA GLU A 363 23.78 -37.17 -0.74
C GLU A 363 24.15 -35.87 -1.44
N LYS A 364 24.93 -35.99 -2.51
CA LYS A 364 25.31 -34.84 -3.32
C LYS A 364 24.38 -34.62 -4.49
N ARG A 365 23.71 -35.68 -4.97
CA ARG A 365 22.70 -35.47 -5.97
C ARG A 365 21.46 -34.80 -5.38
N ASP A 366 20.72 -34.12 -6.25
CA ASP A 366 19.42 -33.56 -5.88
C ASP A 366 18.48 -34.68 -5.49
N HIS A 367 17.91 -34.60 -4.29
CA HIS A 367 17.22 -35.75 -3.71
C HIS A 367 16.17 -35.30 -2.70
N MET A 368 15.35 -36.26 -2.25
CA MET A 368 14.35 -36.04 -1.22
C MET A 368 14.24 -37.31 -0.38
N VAL A 369 14.32 -37.15 0.93
CA VAL A 369 14.02 -38.25 1.86
C VAL A 369 12.59 -38.06 2.35
N LEU A 370 11.80 -39.10 2.29
CA LEU A 370 10.36 -39.00 2.53
C LEU A 370 9.92 -40.07 3.51
N LEU A 371 9.27 -39.62 4.59
CA LEU A 371 8.61 -40.48 5.57
C LEU A 371 7.12 -40.20 5.55
N GLU A 372 6.31 -41.26 5.47
CA GLU A 372 4.88 -41.05 5.30
C GLU A 372 4.08 -42.01 6.16
N PHE A 373 3.02 -41.49 6.79
CA PHE A 373 2.06 -42.29 7.55
C PHE A 373 0.67 -42.05 6.99
N VAL A 374 -0.01 -43.12 6.59
CA VAL A 374 -1.32 -43.00 5.96
C VAL A 374 -2.29 -43.97 6.63
N THR A 375 -3.46 -43.47 7.00
CA THR A 375 -4.50 -44.28 7.62
C THR A 375 -5.80 -44.02 6.89
N ALA A 376 -6.58 -45.07 6.66
CA ALA A 376 -7.89 -44.85 6.10
C ALA A 376 -8.86 -44.44 7.23
N ALA A 377 -9.86 -43.65 6.87
CA ALA A 377 -10.86 -43.18 7.82
C ALA A 377 -12.09 -42.71 7.03
N GLY A 378 -13.03 -42.08 7.73
CA GLY A 378 -14.23 -41.59 7.11
C GLY A 378 -15.41 -42.51 7.18
N ILE A 379 -15.22 -43.75 7.64
CA ILE A 379 -16.31 -44.66 7.92
C ILE A 379 -16.29 -45.00 9.39
N THR A 380 -17.33 -44.61 10.09
CA THR A 380 -17.39 -44.84 11.53
C THR A 380 -17.51 -46.32 11.81
N HIS A 381 -16.83 -46.78 12.86
CA HIS A 381 -16.91 -48.17 13.28
C HIS A 381 -17.94 -48.29 14.39
N HIS A 382 -19.12 -48.80 14.03
CA HIS A 382 -20.20 -48.97 15.00
C HIS A 382 -21.14 -50.09 14.57
N SER B 2 -4.61 58.45 -4.78
CA SER B 2 -4.91 58.96 -3.45
C SER B 2 -3.69 59.64 -2.81
N LYS B 3 -3.94 60.41 -1.74
CA LYS B 3 -2.85 61.11 -1.07
C LYS B 3 -1.86 60.12 -0.44
N GLY B 4 -2.37 59.05 0.18
CA GLY B 4 -1.47 58.12 0.83
C GLY B 4 -0.44 57.52 -0.10
N GLU B 5 -0.69 57.54 -1.41
CA GLU B 5 0.27 56.98 -2.34
C GLU B 5 1.61 57.70 -2.23
N GLU B 6 1.59 59.01 -2.01
CA GLU B 6 2.83 59.76 -1.96
C GLU B 6 3.69 59.38 -0.75
N LEU B 7 3.13 58.65 0.22
CA LEU B 7 3.94 58.16 1.33
C LEU B 7 4.80 56.97 0.96
N PHE B 8 4.60 56.36 -0.21
CA PHE B 8 5.29 55.12 -0.57
C PHE B 8 6.19 55.25 -1.80
N THR B 9 6.41 56.47 -2.32
CA THR B 9 7.26 56.62 -3.50
C THR B 9 8.73 56.41 -3.19
N GLY B 10 9.10 56.42 -1.90
CA GLY B 10 10.45 56.17 -1.46
C GLY B 10 10.60 54.81 -0.80
N VAL B 11 11.73 54.64 -0.11
CA VAL B 11 11.97 53.46 0.71
C VAL B 11 11.53 53.76 2.14
N VAL B 12 10.63 52.94 2.67
CA VAL B 12 9.98 53.18 3.95
C VAL B 12 10.46 52.14 4.95
N PRO B 13 10.92 52.54 6.14
CA PRO B 13 11.28 51.54 7.15
C PRO B 13 10.05 50.86 7.73
N ILE B 14 10.23 49.61 8.11
CA ILE B 14 9.13 48.76 8.57
C ILE B 14 9.46 48.20 9.93
N LEU B 15 8.48 48.30 10.83
CA LEU B 15 8.51 47.69 12.15
C LEU B 15 7.33 46.73 12.23
N VAL B 16 7.60 45.50 12.63
CA VAL B 16 6.57 44.47 12.79
C VAL B 16 6.65 43.93 14.21
N GLU B 17 5.52 43.83 14.88
CA GLU B 17 5.45 43.34 16.26
C GLU B 17 4.30 42.35 16.36
N LEU B 18 4.61 41.15 16.82
CA LEU B 18 3.62 40.09 16.95
C LEU B 18 3.70 39.50 18.35
N ASP B 19 2.57 39.45 19.03
CA ASP B 19 2.48 38.63 20.23
C ASP B 19 1.49 37.53 19.94
N GLY B 20 1.92 36.29 20.14
CA GLY B 20 1.15 35.15 19.74
C GLY B 20 0.91 34.21 20.89
N ASP B 21 -0.04 33.32 20.68
CA ASP B 21 -0.43 32.30 21.65
C ASP B 21 -1.00 31.15 20.83
N VAL B 22 -0.26 30.04 20.76
CA VAL B 22 -0.73 28.88 20.03
C VAL B 22 -0.81 27.72 21.00
N ASN B 23 -2.03 27.24 21.23
CA ASN B 23 -2.28 26.17 22.20
C ASN B 23 -1.68 26.51 23.56
N GLY B 24 -1.74 27.79 23.93
CA GLY B 24 -1.20 28.26 25.19
C GLY B 24 0.30 28.53 25.21
N HIS B 25 1.03 28.16 24.16
CA HIS B 25 2.43 28.51 24.05
C HIS B 25 2.53 29.95 23.57
N LYS B 26 2.97 30.83 24.45
CA LYS B 26 3.07 32.24 24.13
C LYS B 26 4.42 32.57 23.54
N PHE B 27 4.43 33.57 22.65
CA PHE B 27 5.69 33.92 22.01
C PHE B 27 5.58 35.32 21.43
N SER B 28 6.73 35.91 21.11
CA SER B 28 6.76 37.22 20.49
C SER B 28 7.73 37.22 19.31
N VAL B 29 7.42 38.06 18.35
CA VAL B 29 8.24 38.22 17.15
C VAL B 29 8.38 39.72 16.91
N ARG B 30 9.60 40.15 16.61
CA ARG B 30 9.84 41.51 16.14
C ARG B 30 10.56 41.43 14.81
N GLY B 31 10.11 42.23 13.85
CA GLY B 31 10.75 42.28 12.55
C GLY B 31 11.05 43.72 12.20
N GLU B 32 12.16 43.90 11.49
CA GLU B 32 12.55 45.23 11.05
C GLU B 32 13.07 45.12 9.63
N GLY B 33 12.86 46.20 8.86
CA GLY B 33 13.32 46.17 7.49
C GLY B 33 12.84 47.37 6.72
N GLU B 34 12.67 47.20 5.43
CA GLU B 34 12.25 48.31 4.60
C GLU B 34 11.41 47.81 3.44
N GLY B 35 10.48 48.65 3.03
CA GLY B 35 9.61 48.36 1.90
C GLY B 35 9.79 49.41 0.81
N ASP B 36 9.75 48.94 -0.43
CA ASP B 36 9.95 49.76 -1.62
C ASP B 36 8.78 49.45 -2.54
N ALA B 37 7.67 50.17 -2.32
CA ALA B 37 6.44 49.88 -3.03
C ALA B 37 6.56 50.12 -4.53
N THR B 38 7.46 51.02 -4.94
CA THR B 38 7.64 51.29 -6.36
C THR B 38 8.02 50.03 -7.12
N ASN B 39 8.84 49.18 -6.52
CA ASN B 39 9.21 47.88 -7.07
C ASN B 39 8.51 46.73 -6.38
N GLY B 40 7.54 47.03 -5.52
CA GLY B 40 6.82 45.99 -4.78
C GLY B 40 7.70 45.07 -3.98
N LYS B 41 8.76 45.58 -3.39
CA LYS B 41 9.77 44.75 -2.74
C LYS B 41 9.77 45.01 -1.24
N LEU B 42 9.85 43.94 -0.46
CA LEU B 42 10.01 44.03 0.98
C LEU B 42 11.24 43.24 1.40
N THR B 43 11.99 43.79 2.33
CA THR B 43 13.11 43.07 2.95
C THR B 43 12.98 43.22 4.45
N LEU B 44 12.81 42.09 5.14
CA LEU B 44 12.64 42.11 6.59
C LEU B 44 13.43 41.00 7.24
N LYS B 45 13.88 41.26 8.46
CA LYS B 45 14.41 40.22 9.32
C LYS B 45 13.53 40.12 10.55
N PHE B 46 13.16 38.89 10.91
CA PHE B 46 12.31 38.63 12.06
C PHE B 46 13.05 37.79 13.09
N ILE B 47 12.88 38.14 14.35
CA ILE B 47 13.44 37.41 15.49
C ILE B 47 12.30 36.99 16.40
N CYS B 48 12.39 35.80 16.97
CA CYS B 48 11.54 35.41 18.09
C CYS B 48 12.21 35.89 19.37
N THR B 49 11.63 36.92 19.98
CA THR B 49 12.25 37.53 21.15
C THR B 49 12.08 36.72 22.42
N THR B 50 11.14 35.77 22.45
CA THR B 50 10.83 35.03 23.67
C THR B 50 11.51 33.67 23.76
N GLY B 51 12.29 33.29 22.74
CA GLY B 51 12.98 32.01 22.75
C GLY B 51 12.81 31.28 21.45
N LYS B 52 12.48 29.99 21.51
CA LYS B 52 12.21 29.22 20.31
C LYS B 52 10.76 29.38 19.88
N LEU B 53 10.57 29.58 18.59
CA LEU B 53 9.23 29.77 18.06
C LEU B 53 8.47 28.44 18.16
N PRO B 54 7.27 28.42 18.75
CA PRO B 54 6.52 27.16 18.88
C PRO B 54 5.84 26.71 17.59
N VAL B 55 5.91 27.50 16.53
CA VAL B 55 5.33 27.12 15.24
C VAL B 55 6.40 27.37 14.17
N PRO B 56 6.25 26.71 13.02
CA PRO B 56 7.21 26.94 11.94
C PRO B 56 7.08 28.32 11.35
N TRP B 57 8.23 28.94 11.07
CA TRP B 57 8.22 30.27 10.48
C TRP B 57 7.32 30.39 9.26
N PRO B 58 7.32 29.46 8.31
CA PRO B 58 6.50 29.65 7.10
C PRO B 58 5.05 29.93 7.41
N THR B 59 4.49 29.31 8.46
CA THR B 59 3.08 29.49 8.75
C THR B 59 2.76 30.90 9.20
N LEU B 60 3.77 31.68 9.55
CA LEU B 60 3.60 33.04 10.03
C LEU B 60 3.82 34.08 8.94
N VAL B 61 4.24 33.67 7.74
CA VAL B 61 4.63 34.62 6.70
C VAL B 61 3.48 35.54 6.33
N THR B 62 2.27 34.99 6.16
CA THR B 62 1.18 35.84 5.72
C THR B 62 0.75 36.82 6.80
N THR B 63 0.90 36.45 8.07
CA THR B 63 0.50 37.32 9.17
C THR B 63 1.48 38.46 9.35
N LEU B 64 2.77 38.14 9.31
CA LEU B 64 3.80 39.14 9.45
C LEU B 64 3.77 40.08 8.25
N VAL B 66 1.83 43.60 5.44
CA VAL B 66 1.98 44.99 5.06
C VAL B 66 1.70 45.14 3.58
N GLN B 67 0.49 44.77 3.18
CA GLN B 67 0.15 44.71 1.76
C GLN B 67 0.07 46.08 1.11
N CYS B 68 0.23 47.15 1.87
CA CYS B 68 0.36 48.48 1.30
C CYS B 68 1.69 48.69 0.58
N PHE B 69 2.64 47.77 0.73
CA PHE B 69 3.87 47.84 -0.03
C PHE B 69 3.78 47.08 -1.35
N SER B 70 2.59 46.59 -1.70
CA SER B 70 2.38 45.97 -3.01
C SER B 70 2.50 46.99 -4.12
N ARG B 71 2.91 46.52 -5.29
CA ARG B 71 2.96 47.34 -6.50
C ARG B 71 1.64 47.23 -7.26
N TYR B 72 0.90 48.33 -7.31
CA TYR B 72 -0.24 48.42 -8.20
C TYR B 72 0.20 49.05 -9.51
N PRO B 73 0.15 48.32 -10.63
CA PRO B 73 0.65 48.83 -11.93
C PRO B 73 -0.07 50.09 -12.40
N ASP B 74 0.48 50.68 -13.49
CA ASP B 74 0.00 51.98 -13.94
C ASP B 74 -1.50 51.98 -14.20
N HIS B 75 -2.04 50.85 -14.65
CA HIS B 75 -3.46 50.78 -14.99
C HIS B 75 -4.37 50.48 -13.80
N MET B 76 -3.84 50.30 -12.58
CA MET B 76 -4.66 49.91 -11.43
C MET B 76 -4.55 50.86 -10.24
N LYS B 77 -4.06 52.10 -10.42
CA LYS B 77 -3.85 52.96 -9.26
C LYS B 77 -5.14 53.23 -8.49
N ARG B 78 -6.28 53.25 -9.16
CA ARG B 78 -7.53 53.51 -8.46
C ARG B 78 -8.05 52.29 -7.71
N HIS B 79 -7.34 51.17 -7.70
CA HIS B 79 -7.79 49.98 -6.98
C HIS B 79 -6.91 49.66 -5.78
N ASP B 80 -6.03 50.57 -5.38
CA ASP B 80 -5.10 50.34 -4.26
C ASP B 80 -5.69 50.87 -2.95
N PHE B 81 -6.44 50.00 -2.27
CA PHE B 81 -7.04 50.38 -1.00
C PHE B 81 -5.99 50.63 0.07
N PHE B 82 -4.97 49.77 0.15
CA PHE B 82 -4.06 49.77 1.29
C PHE B 82 -3.35 51.11 1.43
N LYS B 83 -2.83 51.65 0.33
CA LYS B 83 -2.12 52.93 0.42
C LYS B 83 -3.08 54.09 0.68
N SER B 84 -4.32 54.00 0.17
CA SER B 84 -5.24 55.10 0.38
C SER B 84 -5.72 55.21 1.82
N ALA B 85 -5.60 54.15 2.62
CA ALA B 85 -5.96 54.22 4.03
C ALA B 85 -4.88 54.85 4.89
N MET B 86 -3.72 55.17 4.34
CA MET B 86 -2.64 55.79 5.10
C MET B 86 -2.80 57.30 5.14
N PRO B 87 -2.16 57.97 6.10
CA PRO B 87 -1.30 57.36 7.13
C PRO B 87 -2.04 56.81 8.35
N GLU B 88 -3.36 57.05 8.46
CA GLU B 88 -4.11 56.58 9.63
C GLU B 88 -4.05 55.07 9.78
N GLY B 89 -4.00 54.36 8.67
CA GLY B 89 -3.79 52.92 8.70
C GLY B 89 -5.07 52.15 8.51
N TYR B 90 -4.95 50.84 8.67
CA TYR B 90 -6.11 49.96 8.55
C TYR B 90 -5.97 48.81 9.52
N VAL B 91 -7.11 48.25 9.85
CA VAL B 91 -7.21 47.01 10.61
C VAL B 91 -7.32 45.86 9.62
N GLN B 92 -6.47 44.85 9.83
CA GLN B 92 -6.49 43.62 9.05
C GLN B 92 -6.76 42.47 10.00
N GLU B 93 -7.87 41.77 9.80
CA GLU B 93 -8.24 40.60 10.59
C GLU B 93 -8.22 39.38 9.68
N ARG B 94 -7.77 38.25 10.22
CA ARG B 94 -7.75 37.04 9.41
C ARG B 94 -8.20 35.85 10.25
N THR B 95 -8.79 34.88 9.56
CA THR B 95 -8.86 33.52 10.05
C THR B 95 -8.13 32.61 9.07
N ILE B 96 -7.19 31.84 9.59
CA ILE B 96 -6.37 30.90 8.82
C ILE B 96 -6.68 29.50 9.29
N SER B 97 -7.23 28.68 8.38
CA SER B 97 -7.63 27.30 8.69
C SER B 97 -6.60 26.34 8.11
N PHE B 98 -5.84 25.67 8.98
CA PHE B 98 -4.92 24.65 8.51
C PHE B 98 -5.67 23.34 8.33
N LYS B 99 -5.61 22.77 7.13
CA LYS B 99 -6.39 21.58 6.85
C LYS B 99 -6.01 20.45 7.80
N ASP B 100 -7.02 19.83 8.41
CA ASP B 100 -6.81 18.70 9.32
C ASP B 100 -5.97 19.07 10.53
N ASP B 101 -6.03 20.34 10.93
CA ASP B 101 -5.31 20.82 12.10
C ASP B 101 -6.03 22.05 12.64
N GLY B 102 -5.28 22.94 13.27
CA GLY B 102 -5.84 24.05 14.02
C GLY B 102 -6.07 25.31 13.19
N THR B 103 -6.32 26.42 13.90
CA THR B 103 -6.68 27.68 13.27
C THR B 103 -5.95 28.85 13.91
N TYR B 104 -5.47 29.78 13.07
CA TYR B 104 -5.02 31.08 13.54
C TYR B 104 -6.15 32.08 13.41
N LYS B 105 -6.28 32.94 14.40
CA LYS B 105 -7.16 34.10 14.34
C LYS B 105 -6.29 35.30 14.66
N THR B 106 -6.25 36.29 13.78
CA THR B 106 -5.34 37.41 13.92
C THR B 106 -6.08 38.73 13.79
N ARG B 107 -5.60 39.72 14.54
CA ARG B 107 -6.02 41.11 14.36
C ARG B 107 -4.79 41.99 14.37
N ALA B 108 -4.69 42.88 13.40
CA ALA B 108 -3.50 43.71 13.24
C ALA B 108 -3.92 45.13 12.87
N GLU B 109 -3.17 46.10 13.40
CA GLU B 109 -3.26 47.49 12.95
C GLU B 109 -1.99 47.84 12.19
N VAL B 110 -2.16 48.36 10.97
CA VAL B 110 -1.08 48.75 10.08
C VAL B 110 -1.20 50.26 9.88
N LYS B 111 -0.34 51.02 10.54
CA LYS B 111 -0.40 52.48 10.39
C LYS B 111 1.01 53.06 10.34
N PHE B 112 1.09 54.38 10.18
CA PHE B 112 2.34 55.11 10.31
C PHE B 112 2.48 55.62 11.74
N GLU B 113 3.64 55.38 12.34
CA GLU B 113 4.03 55.94 13.62
C GLU B 113 5.32 56.71 13.37
N GLY B 114 5.21 58.04 13.42
CA GLY B 114 6.31 58.83 12.93
C GLY B 114 6.51 58.50 11.47
N ASP B 115 7.75 58.16 11.13
CA ASP B 115 8.12 57.81 9.77
C ASP B 115 8.14 56.30 9.53
N THR B 116 7.80 55.50 10.53
CA THR B 116 7.87 54.04 10.39
C THR B 116 6.49 53.48 10.06
N LEU B 117 6.45 52.57 9.09
CA LEU B 117 5.24 51.79 8.83
C LEU B 117 5.23 50.63 9.82
N VAL B 118 4.23 50.60 10.69
CA VAL B 118 4.17 49.67 11.80
C VAL B 118 3.00 48.71 11.60
N ASN B 119 3.27 47.43 11.77
CA ASN B 119 2.28 46.37 11.70
C ASN B 119 2.25 45.70 13.08
N ARG B 120 1.20 45.95 13.85
CA ARG B 120 1.06 45.35 15.18
C ARG B 120 -0.04 44.30 15.18
N ILE B 121 0.30 43.09 15.64
CA ILE B 121 -0.54 41.92 15.46
C ILE B 121 -0.76 41.22 16.78
N GLU B 122 -1.99 40.75 16.99
CA GLU B 122 -2.29 39.75 18.00
C GLU B 122 -2.74 38.47 17.28
N LEU B 123 -2.11 37.35 17.63
CA LEU B 123 -2.38 36.06 17.00
C LEU B 123 -2.77 35.05 18.07
N LYS B 124 -3.92 34.43 17.90
CA LYS B 124 -4.36 33.35 18.76
C LYS B 124 -4.57 32.10 17.90
N GLY B 125 -3.86 31.03 18.22
CA GLY B 125 -4.02 29.78 17.49
C GLY B 125 -4.58 28.67 18.35
N ILE B 126 -5.57 27.93 17.87
CA ILE B 126 -6.21 26.94 18.72
C ILE B 126 -6.47 25.64 17.98
N ASP B 127 -6.55 24.56 18.77
CA ASP B 127 -6.94 23.24 18.30
C ASP B 127 -5.86 22.59 17.43
N PHE B 128 -4.60 22.89 17.70
CA PHE B 128 -3.54 22.23 16.95
C PHE B 128 -3.22 20.87 17.53
N LYS B 129 -2.77 19.97 16.66
CA LYS B 129 -2.39 18.62 17.03
C LYS B 129 -0.92 18.62 17.41
N GLU B 130 -0.62 18.08 18.59
CA GLU B 130 0.76 18.04 19.06
C GLU B 130 1.65 17.23 18.13
N ASP B 131 1.09 16.20 17.49
CA ASP B 131 1.82 15.35 16.56
C ASP B 131 1.66 15.79 15.10
N GLY B 132 0.92 16.87 14.83
CA GLY B 132 0.72 17.35 13.49
C GLY B 132 1.91 18.08 12.92
N ASN B 133 1.70 18.68 11.74
CA ASN B 133 2.79 19.34 11.01
C ASN B 133 3.20 20.66 11.63
N ILE B 134 2.33 21.28 12.43
CA ILE B 134 2.56 22.63 12.93
C ILE B 134 3.30 22.61 14.26
N LEU B 135 2.63 22.15 15.32
CA LEU B 135 3.28 22.04 16.63
C LEU B 135 4.45 21.06 16.58
N GLY B 136 4.47 20.14 15.63
CA GLY B 136 5.54 19.18 15.44
C GLY B 136 6.71 19.62 14.58
N HIS B 137 6.70 20.83 14.04
CA HIS B 137 7.80 21.36 13.22
C HIS B 137 8.17 20.40 12.10
N LYS B 138 7.19 20.15 11.23
CA LYS B 138 7.36 19.22 10.11
C LYS B 138 7.30 19.92 8.76
N LEU B 139 7.28 21.25 8.73
CA LEU B 139 7.28 21.97 7.47
C LEU B 139 8.70 22.24 7.02
N GLU B 140 8.88 22.31 5.70
CA GLU B 140 10.15 22.74 5.15
C GLU B 140 10.29 24.25 5.29
N TYR B 141 11.49 24.70 5.63
CA TYR B 141 11.73 26.14 5.73
C TYR B 141 11.89 26.76 4.34
N ASN B 142 12.90 26.31 3.59
CA ASN B 142 13.15 26.87 2.26
C ASN B 142 13.90 25.92 1.35
N SER B 143 13.84 24.61 1.60
CA SER B 143 14.65 23.68 0.83
C SER B 143 14.15 23.59 -0.60
N THR B 144 15.08 23.35 -1.51
CA THR B 144 14.73 23.22 -2.92
C THR B 144 14.52 21.78 -3.36
N TRP B 145 14.95 20.80 -2.57
CA TRP B 145 14.64 19.41 -2.86
C TRP B 145 14.26 18.71 -1.57
N GLY B 146 13.50 17.62 -1.70
CA GLY B 146 13.01 16.90 -0.56
C GLY B 146 12.35 15.61 -0.98
N SER B 147 11.63 15.00 -0.04
CA SER B 147 10.97 13.73 -0.31
C SER B 147 9.95 13.89 -1.44
N PRO B 148 9.75 12.85 -2.25
CA PRO B 148 8.67 12.91 -3.24
C PRO B 148 7.30 12.67 -2.62
N GLY B 149 7.25 12.11 -1.41
CA GLY B 149 5.99 11.83 -0.76
C GLY B 149 5.59 10.37 -0.89
N TRP B 150 5.04 9.80 0.18
CA TRP B 150 4.60 8.41 0.15
C TRP B 150 3.72 8.12 -1.08
N VAL B 151 2.73 8.97 -1.35
CA VAL B 151 1.81 8.69 -2.47
C VAL B 151 2.58 8.61 -3.79
N ARG B 152 3.22 9.72 -4.16
CA ARG B 152 3.97 9.75 -5.42
C ARG B 152 4.99 8.62 -5.48
N LEU B 153 5.63 8.32 -4.36
CA LEU B 153 6.62 7.25 -4.36
C LEU B 153 5.96 5.91 -4.66
N ALA B 154 4.79 5.64 -4.08
CA ALA B 154 4.12 4.37 -4.35
C ALA B 154 3.70 4.27 -5.82
N LEU B 155 3.03 5.31 -6.34
CA LEU B 155 2.64 5.29 -7.74
C LEU B 155 3.85 5.07 -8.64
N CYS B 156 4.91 5.84 -8.44
CA CYS B 156 6.04 5.81 -9.35
C CYS B 156 6.82 4.51 -9.24
N LEU B 157 7.00 4.00 -8.02
CA LEU B 157 7.70 2.72 -7.89
C LEU B 157 6.90 1.58 -8.49
N THR B 158 5.58 1.56 -8.26
CA THR B 158 4.77 0.51 -8.87
C THR B 158 4.84 0.58 -10.39
N GLY B 159 4.70 1.77 -10.95
CA GLY B 159 4.88 1.93 -12.38
C GLY B 159 6.24 1.46 -12.84
N LEU B 160 7.27 1.70 -12.02
CA LEU B 160 8.62 1.33 -12.40
C LEU B 160 8.81 -0.19 -12.38
N VAL B 161 8.32 -0.85 -11.33
CA VAL B 161 8.43 -2.31 -11.23
C VAL B 161 7.65 -2.98 -12.34
N LEU B 162 6.42 -2.53 -12.58
CA LEU B 162 5.62 -3.09 -13.66
C LEU B 162 6.29 -2.86 -15.01
N SER B 163 6.87 -1.67 -15.22
CA SER B 163 7.55 -1.40 -16.47
C SER B 163 8.72 -2.35 -16.67
N LEU B 164 9.55 -2.52 -15.64
CA LEU B 164 10.68 -3.43 -15.73
C LEU B 164 10.20 -4.84 -16.06
N TYR B 165 9.15 -5.30 -15.37
CA TYR B 165 8.68 -6.66 -15.63
C TYR B 165 8.13 -6.79 -17.03
N ALA B 166 7.46 -5.74 -17.53
CA ALA B 166 6.97 -5.76 -18.90
C ALA B 166 8.12 -5.94 -19.87
N LEU B 167 9.19 -5.16 -19.70
CA LEU B 167 10.36 -5.35 -20.56
C LEU B 167 10.86 -6.78 -20.49
N HIS B 168 10.95 -7.33 -19.26
CA HIS B 168 11.43 -8.70 -19.09
C HIS B 168 10.52 -9.69 -19.80
N VAL B 169 9.21 -9.51 -19.71
CA VAL B 169 8.24 -10.39 -20.36
C VAL B 169 8.39 -10.33 -21.86
N LYS B 170 8.51 -9.13 -22.41
CA LYS B 170 8.69 -9.00 -23.84
C LYS B 170 9.91 -9.77 -24.30
N ALA B 171 11.03 -9.63 -23.58
CA ALA B 171 12.25 -10.32 -23.99
C ALA B 171 12.10 -11.84 -23.87
N ALA B 172 11.52 -12.30 -22.76
CA ALA B 172 11.37 -13.73 -22.53
C ALA B 172 10.42 -14.36 -23.54
N ARG B 173 9.33 -13.67 -23.87
CA ARG B 173 8.42 -14.17 -24.88
C ARG B 173 9.07 -14.17 -26.26
N ALA B 174 9.95 -13.20 -26.53
CA ALA B 174 10.68 -13.22 -27.79
C ALA B 174 11.68 -14.37 -27.85
N ARG B 175 12.10 -14.90 -26.70
CA ARG B 175 13.03 -16.02 -26.68
C ARG B 175 12.33 -17.37 -26.46
N ASP B 176 11.01 -17.41 -26.29
CA ASP B 176 10.33 -18.67 -26.01
C ASP B 176 8.82 -18.52 -26.23
N ARG B 177 8.30 -19.29 -27.19
CA ARG B 177 6.88 -19.21 -27.54
C ARG B 177 5.98 -19.69 -26.40
N ASP B 178 6.43 -20.69 -25.63
CA ASP B 178 5.66 -21.23 -24.52
C ASP B 178 5.86 -20.46 -23.21
N TYR B 179 6.59 -19.35 -23.23
CA TYR B 179 6.75 -18.55 -22.03
C TYR B 179 5.39 -18.03 -21.55
N ARG B 180 5.11 -18.23 -20.27
CA ARG B 180 3.90 -17.70 -19.64
C ARG B 180 4.30 -16.73 -18.54
N ALA B 181 3.89 -15.47 -18.69
CA ALA B 181 4.22 -14.46 -17.70
C ALA B 181 3.30 -14.58 -16.49
N LEU B 182 3.67 -13.87 -15.42
CA LEU B 182 2.80 -13.80 -14.25
C LEU B 182 1.46 -13.18 -14.61
N CYS B 183 1.46 -12.13 -15.43
CA CYS B 183 0.24 -11.46 -15.83
C CYS B 183 -0.55 -12.19 -16.91
N ASP B 184 -0.10 -13.36 -17.35
CA ASP B 184 -0.93 -14.20 -18.22
C ASP B 184 -1.89 -14.96 -17.31
N VAL B 185 -3.06 -14.36 -17.08
CA VAL B 185 -3.96 -14.91 -16.06
C VAL B 185 -4.77 -16.07 -16.59
N GLY B 186 -5.21 -15.98 -17.83
CA GLY B 186 -5.98 -17.06 -18.42
C GLY B 186 -5.91 -16.97 -19.92
N THR B 187 -6.47 -18.00 -20.56
CA THR B 187 -6.41 -18.09 -22.02
C THR B 187 -6.98 -16.86 -22.72
N ALA B 188 -7.77 -16.04 -22.01
CA ALA B 188 -8.31 -14.80 -22.56
C ALA B 188 -7.59 -13.55 -22.03
N ILE B 189 -6.62 -13.72 -21.14
CA ILE B 189 -5.85 -12.61 -20.56
C ILE B 189 -4.37 -12.94 -20.65
N SER B 190 -3.69 -12.41 -21.68
CA SER B 190 -2.29 -12.69 -21.94
C SER B 190 -1.55 -11.36 -22.16
N CYS B 191 -0.85 -10.90 -21.12
CA CYS B 191 0.00 -9.74 -21.27
C CYS B 191 1.17 -10.02 -22.23
N SER B 192 1.61 -11.28 -22.29
CA SER B 192 2.62 -11.69 -23.27
C SER B 192 2.18 -11.29 -24.67
N ARG B 193 0.94 -11.63 -25.04
CA ARG B 193 0.48 -11.33 -26.39
C ARG B 193 0.38 -9.82 -26.61
N VAL B 194 -0.01 -9.07 -25.57
CA VAL B 194 -0.12 -7.62 -25.70
C VAL B 194 1.24 -7.01 -25.97
N PHE B 195 2.22 -7.29 -25.11
CA PHE B 195 3.54 -6.72 -25.29
C PHE B 195 4.18 -7.17 -26.59
N SER B 196 3.88 -8.39 -27.04
CA SER B 196 4.50 -8.90 -28.24
C SER B 196 3.81 -8.45 -29.53
N SER B 197 2.70 -7.72 -29.43
CA SER B 197 2.09 -7.17 -30.62
C SER B 197 2.87 -5.96 -31.14
N ARG B 198 2.58 -5.58 -32.37
CA ARG B 198 3.32 -4.47 -32.97
C ARG B 198 3.08 -3.15 -32.25
N TRP B 199 1.99 -3.04 -31.48
CA TRP B 199 1.78 -1.84 -30.67
C TRP B 199 2.59 -1.83 -29.39
N GLY B 200 3.28 -2.93 -29.08
CA GLY B 200 4.13 -2.99 -27.89
C GLY B 200 5.48 -2.34 -28.04
N ARG B 201 5.82 -1.90 -29.24
CA ARG B 201 7.06 -1.20 -29.52
C ARG B 201 6.73 0.10 -30.24
N GLY B 202 7.24 1.21 -29.71
CA GLY B 202 6.99 2.51 -30.30
C GLY B 202 5.52 2.85 -30.43
N PHE B 203 4.67 2.26 -29.59
CA PHE B 203 3.22 2.45 -29.65
C PHE B 203 2.63 1.96 -30.98
N GLY B 204 3.37 1.13 -31.71
CA GLY B 204 2.96 0.78 -33.06
C GLY B 204 2.88 1.95 -34.00
N LEU B 205 3.49 3.08 -33.64
CA LEU B 205 3.48 4.29 -34.45
C LEU B 205 4.88 4.72 -34.86
N VAL B 206 5.86 4.57 -33.97
CA VAL B 206 7.24 4.94 -34.29
C VAL B 206 7.76 4.15 -35.48
N GLU B 207 7.20 2.97 -35.72
CA GLU B 207 7.70 2.12 -36.79
C GLU B 207 7.53 2.79 -38.14
N HIS B 208 6.41 3.47 -38.34
CA HIS B 208 6.13 4.00 -39.67
C HIS B 208 7.03 5.18 -40.01
N VAL B 209 7.75 5.73 -39.03
CA VAL B 209 8.72 6.79 -39.25
C VAL B 209 10.06 6.30 -38.74
N LEU B 210 10.94 5.92 -39.66
CA LEU B 210 12.30 5.41 -39.45
C LEU B 210 12.34 3.90 -39.28
N GLY B 211 11.21 3.23 -39.11
CA GLY B 211 11.26 1.80 -39.02
C GLY B 211 11.78 1.39 -37.66
N GLN B 212 11.87 0.07 -37.45
CA GLN B 212 12.33 -0.38 -36.15
C GLN B 212 13.79 -0.04 -35.91
N ASP B 213 14.48 0.42 -36.95
CA ASP B 213 15.87 0.81 -36.74
C ASP B 213 15.96 2.16 -36.07
N SER B 214 14.85 2.89 -36.02
CA SER B 214 14.83 4.15 -35.31
C SER B 214 15.22 3.92 -33.87
N ILE B 215 15.89 4.90 -33.28
CA ILE B 215 16.29 4.74 -31.89
C ILE B 215 15.17 5.08 -30.93
N LEU B 216 14.09 5.71 -31.40
CA LEU B 216 12.87 5.87 -30.61
C LEU B 216 11.97 4.64 -30.63
N ASN B 217 12.26 3.63 -31.45
CA ASN B 217 11.38 2.46 -31.56
C ASN B 217 11.72 1.45 -30.46
N GLN B 218 11.62 1.92 -29.22
CA GLN B 218 11.89 1.11 -28.06
C GLN B 218 10.58 0.53 -27.52
N SER B 219 10.69 -0.57 -26.78
CA SER B 219 9.53 -1.13 -26.11
C SER B 219 8.81 -0.06 -25.30
N ASN B 220 7.48 -0.05 -25.37
CA ASN B 220 6.69 0.95 -24.65
C ASN B 220 7.08 1.01 -23.19
N SER B 221 7.39 -0.14 -22.59
CA SER B 221 7.76 -0.16 -21.19
C SER B 221 9.04 0.60 -20.93
N ILE B 222 9.90 0.78 -21.93
CA ILE B 222 11.07 1.64 -21.77
C ILE B 222 10.63 3.08 -21.49
N PHE B 223 9.75 3.61 -22.34
CA PHE B 223 9.19 4.92 -22.05
C PHE B 223 8.54 4.94 -20.68
N GLY B 224 7.90 3.83 -20.30
CA GLY B 224 7.36 3.75 -18.95
C GLY B 224 8.43 3.97 -17.89
N CYS B 225 9.57 3.29 -18.05
CA CYS B 225 10.68 3.44 -17.10
C CYS B 225 11.10 4.90 -16.99
N ILE B 226 11.33 5.53 -18.15
CA ILE B 226 11.77 6.92 -18.10
C ILE B 226 10.71 7.79 -17.44
N PHE B 227 9.45 7.57 -17.81
CA PHE B 227 8.36 8.41 -17.32
C PHE B 227 8.24 8.34 -15.80
N TYR B 228 8.14 7.13 -15.25
CA TYR B 228 7.98 7.05 -13.80
C TYR B 228 9.22 7.54 -13.08
N THR B 229 10.41 7.30 -13.65
CA THR B 229 11.62 7.81 -13.01
C THR B 229 11.61 9.33 -12.95
N LEU B 230 11.30 9.99 -14.07
CA LEU B 230 11.32 11.45 -14.09
C LEU B 230 10.20 12.03 -13.25
N GLN B 231 9.02 11.42 -13.28
CA GLN B 231 7.96 11.85 -12.38
C GLN B 231 8.42 11.80 -10.93
N LEU B 232 9.17 10.76 -10.57
CA LEU B 232 9.58 10.62 -9.17
C LEU B 232 10.67 11.62 -8.79
N LEU B 233 11.62 11.88 -9.70
CA LEU B 233 12.67 12.83 -9.39
C LEU B 233 12.15 14.26 -9.40
N LEU B 234 11.27 14.57 -10.35
CA LEU B 234 10.62 15.88 -10.36
C LEU B 234 9.80 16.11 -9.11
N GLY B 235 9.21 15.05 -8.57
CA GLY B 235 8.53 15.16 -7.28
C GLY B 235 9.44 15.57 -6.15
N CYS B 236 10.75 15.44 -6.33
CA CYS B 236 11.74 15.84 -5.32
C CYS B 236 12.15 17.30 -5.43
N LEU B 237 11.83 17.96 -6.53
CA LEU B 237 12.20 19.36 -6.69
C LEU B 237 11.06 20.28 -6.25
N ARG B 238 11.42 21.50 -5.86
CA ARG B 238 10.45 22.45 -5.34
C ARG B 238 10.40 23.71 -6.19
N THR B 239 10.34 23.56 -7.51
CA THR B 239 10.27 24.69 -8.41
C THR B 239 9.05 24.55 -9.33
N ARG B 240 8.59 25.70 -9.84
CA ARG B 240 7.43 25.73 -10.72
C ARG B 240 7.65 24.87 -11.95
N TRP B 241 8.84 24.95 -12.56
CA TRP B 241 9.06 24.29 -13.84
C TRP B 241 8.97 22.78 -13.69
N ALA B 242 9.36 22.24 -12.53
CA ALA B 242 9.15 20.82 -12.31
C ALA B 242 7.67 20.48 -12.32
N SER B 243 6.83 21.40 -11.81
CA SER B 243 5.39 21.17 -11.79
C SER B 243 4.80 21.15 -13.19
N VAL B 244 5.14 22.17 -14.01
CA VAL B 244 4.60 22.20 -15.36
C VAL B 244 5.13 21.02 -16.17
N LEU B 245 6.41 20.70 -16.02
CA LEU B 245 6.98 19.57 -16.75
C LEU B 245 6.25 18.28 -16.39
N MET B 246 6.01 18.05 -15.09
CA MET B 246 5.27 16.86 -14.68
C MET B 246 3.88 16.87 -15.30
N LEU B 247 3.27 18.05 -15.40
CA LEU B 247 1.92 18.14 -15.95
C LEU B 247 1.89 17.74 -17.42
N LEU B 248 2.83 18.29 -18.20
CA LEU B 248 2.88 17.99 -19.64
C LEU B 248 3.18 16.52 -19.88
N SER B 249 4.21 15.99 -19.20
CA SER B 249 4.52 14.58 -19.38
C SER B 249 3.33 13.71 -19.00
N SER B 250 2.61 14.09 -17.94
CA SER B 250 1.40 13.36 -17.56
C SER B 250 0.35 13.41 -18.67
N LEU B 251 0.22 14.56 -19.35
CA LEU B 251 -0.72 14.63 -20.46
C LEU B 251 -0.31 13.68 -21.57
N VAL B 252 0.98 13.64 -21.90
CA VAL B 252 1.44 12.72 -22.94
C VAL B 252 1.09 11.29 -22.54
N SER B 253 1.42 10.90 -21.31
CA SER B 253 1.10 9.56 -20.87
C SER B 253 -0.40 9.30 -20.99
N LEU B 254 -1.22 10.31 -20.74
CA LEU B 254 -2.66 10.16 -20.89
C LEU B 254 -3.02 9.84 -22.34
N ALA B 255 -2.48 10.61 -23.29
CA ALA B 255 -2.73 10.34 -24.70
C ALA B 255 -2.33 8.91 -25.06
N GLY B 256 -1.12 8.50 -24.68
CA GLY B 256 -0.67 7.15 -24.98
C GLY B 256 -1.53 6.09 -24.34
N SER B 257 -2.07 6.39 -23.16
CA SER B 257 -2.89 5.43 -22.44
C SER B 257 -4.26 5.27 -23.07
N VAL B 258 -4.88 6.37 -23.50
CA VAL B 258 -6.15 6.25 -24.20
C VAL B 258 -5.95 5.54 -25.53
N TYR B 259 -4.87 5.87 -26.23
CA TYR B 259 -4.59 5.17 -27.48
C TYR B 259 -4.42 3.67 -27.22
N LEU B 260 -3.63 3.32 -26.22
CA LEU B 260 -3.38 1.91 -25.92
C LEU B 260 -4.63 1.21 -25.42
N ALA B 261 -5.50 1.90 -24.68
CA ALA B 261 -6.76 1.28 -24.28
C ALA B 261 -7.62 1.00 -25.50
N TRP B 262 -7.64 1.94 -26.45
CA TRP B 262 -8.39 1.71 -27.67
C TRP B 262 -7.85 0.48 -28.41
N ILE B 263 -6.53 0.37 -28.54
CA ILE B 263 -5.95 -0.84 -29.13
C ILE B 263 -6.38 -2.07 -28.33
N LEU B 264 -6.31 -1.97 -27.01
CA LEU B 264 -6.59 -3.09 -26.13
C LEU B 264 -8.00 -3.64 -26.30
N PHE B 265 -8.97 -2.76 -26.53
CA PHE B 265 -10.36 -3.20 -26.57
C PHE B 265 -10.96 -3.31 -27.97
N PHE B 266 -10.38 -2.63 -28.97
CA PHE B 266 -10.94 -2.63 -30.31
C PHE B 266 -10.06 -3.31 -31.35
N VAL B 267 -8.78 -3.52 -31.09
CA VAL B 267 -7.90 -4.25 -32.00
C VAL B 267 -7.46 -5.57 -31.37
N LEU B 268 -6.85 -5.51 -30.19
CA LEU B 268 -6.56 -6.71 -29.43
C LEU B 268 -7.79 -7.06 -28.60
N TYR B 269 -8.10 -8.33 -28.50
CA TYR B 269 -9.28 -8.69 -27.73
C TYR B 269 -8.80 -9.29 -26.43
N ASP B 270 -8.08 -8.49 -25.66
CA ASP B 270 -7.38 -8.93 -24.46
C ASP B 270 -7.63 -7.94 -23.35
N PHE B 271 -7.93 -8.45 -22.16
CA PHE B 271 -8.19 -7.62 -20.98
C PHE B 271 -6.94 -7.58 -20.11
N CYS B 272 -5.96 -6.78 -20.54
CA CYS B 272 -4.65 -6.75 -19.89
C CYS B 272 -4.74 -6.00 -18.58
N ILE B 273 -4.71 -6.74 -17.47
CA ILE B 273 -4.90 -6.15 -16.15
C ILE B 273 -3.73 -5.24 -15.79
N VAL B 274 -2.51 -5.65 -16.11
CA VAL B 274 -1.33 -4.83 -15.82
C VAL B 274 -1.40 -3.52 -16.60
N CYS B 275 -1.92 -3.58 -17.82
CA CYS B 275 -2.05 -2.37 -18.63
C CYS B 275 -3.06 -1.42 -18.01
N ILE B 276 -4.23 -1.93 -17.63
CA ILE B 276 -5.23 -1.07 -16.99
C ILE B 276 -4.68 -0.48 -15.71
N THR B 277 -3.88 -1.26 -14.96
CA THR B 277 -3.25 -0.72 -13.76
C THR B 277 -2.34 0.44 -14.13
N THR B 278 -1.62 0.32 -15.23
CA THR B 278 -0.77 1.41 -15.67
C THR B 278 -1.58 2.63 -16.11
N TYR B 279 -2.73 2.42 -16.74
CA TYR B 279 -3.59 3.55 -17.07
C TYR B 279 -4.07 4.24 -15.81
N ALA B 280 -4.49 3.46 -14.83
CA ALA B 280 -5.01 4.02 -13.59
C ALA B 280 -3.92 4.83 -12.88
N ILE B 281 -2.71 4.29 -12.82
CA ILE B 281 -1.61 5.04 -12.24
C ILE B 281 -1.39 6.33 -13.00
N ASN B 282 -1.46 6.26 -14.33
CA ASN B 282 -1.20 7.45 -15.13
C ASN B 282 -2.25 8.52 -14.91
N VAL B 283 -3.50 8.12 -14.65
CA VAL B 283 -4.53 9.09 -14.31
C VAL B 283 -4.29 9.65 -12.91
N SER B 284 -3.83 8.82 -11.97
CA SER B 284 -3.47 9.31 -10.64
C SER B 284 -2.42 10.40 -10.73
N LEU B 285 -1.34 10.14 -11.48
CA LEU B 285 -0.28 11.13 -11.64
C LEU B 285 -0.75 12.34 -12.43
N MET B 286 -1.67 12.15 -13.37
CA MET B 286 -2.26 13.28 -14.07
C MET B 286 -2.96 14.21 -13.09
N TRP B 287 -3.82 13.64 -12.25
CA TRP B 287 -4.51 14.44 -11.25
C TRP B 287 -3.53 15.10 -10.29
N LEU B 288 -2.46 14.39 -9.93
CA LEU B 288 -1.46 14.96 -9.03
C LEU B 288 -0.76 16.17 -9.65
N SER B 289 -0.38 16.08 -10.93
CA SER B 289 0.30 17.23 -11.53
C SER B 289 -0.66 18.39 -11.74
N PHE B 290 -1.91 18.10 -12.07
CA PHE B 290 -2.92 19.15 -12.18
C PHE B 290 -3.08 19.89 -10.86
N ARG B 291 -3.22 19.14 -9.75
CA ARG B 291 -3.31 19.74 -8.43
C ARG B 291 -2.03 20.48 -8.05
N LYS B 292 -0.87 19.94 -8.44
CA LYS B 292 0.40 20.61 -8.16
C LYS B 292 0.45 21.99 -8.78
N VAL B 293 0.14 22.07 -10.09
CA VAL B 293 0.17 23.35 -10.78
C VAL B 293 -0.84 24.32 -10.16
N GLN B 294 -2.01 23.82 -9.76
CA GLN B 294 -2.95 24.68 -9.06
C GLN B 294 -2.38 25.14 -7.71
N GLU B 295 -1.70 24.25 -7.00
CA GLU B 295 -1.13 24.55 -5.70
C GLU B 295 0.06 25.50 -5.78
N ASN B 296 0.57 25.77 -6.98
CA ASN B 296 1.65 26.74 -7.09
C ASN B 296 1.14 28.18 -7.16
N SER B 297 -0.12 28.38 -7.53
CA SER B 297 -0.70 29.72 -7.54
C SER B 297 -1.13 30.07 -6.12
N HIS B 298 -0.60 31.16 -5.58
CA HIS B 298 -0.94 31.58 -4.24
C HIS B 298 -1.46 33.01 -4.23
N ASN B 299 -2.35 33.34 -5.17
CA ASN B 299 -2.77 34.72 -5.33
C ASN B 299 -3.80 35.09 -4.27
N VAL B 300 -3.78 36.35 -3.86
CA VAL B 300 -4.71 36.88 -2.88
C VAL B 300 -5.83 37.56 -3.64
N TYR B 301 -7.04 37.01 -3.58
CA TYR B 301 -8.15 37.55 -4.34
C TYR B 301 -8.92 38.57 -3.51
N ILE B 302 -8.95 39.81 -4.01
CA ILE B 302 -9.46 40.97 -3.30
C ILE B 302 -10.73 41.47 -3.98
N THR B 303 -11.76 41.71 -3.17
CA THR B 303 -13.02 42.30 -3.59
C THR B 303 -13.41 43.41 -2.62
N ALA B 304 -14.19 44.36 -3.13
CA ALA B 304 -14.63 45.48 -2.32
C ALA B 304 -15.68 45.03 -1.31
N ASP B 305 -15.58 45.59 -0.11
CA ASP B 305 -16.56 45.41 0.95
C ASP B 305 -17.08 46.80 1.30
N LYS B 306 -18.14 47.23 0.60
CA LYS B 306 -18.66 48.56 0.86
C LYS B 306 -19.31 48.65 2.24
N GLN B 307 -19.90 47.53 2.70
CA GLN B 307 -20.59 47.51 4.00
C GLN B 307 -19.64 47.81 5.17
N LYS B 308 -18.34 47.58 5.02
CA LYS B 308 -17.35 47.98 6.02
C LYS B 308 -16.40 49.05 5.50
N ASN B 309 -16.70 49.66 4.36
CA ASN B 309 -15.82 50.67 3.78
C ASN B 309 -14.40 50.12 3.61
N GLY B 310 -14.28 48.83 3.36
CA GLY B 310 -12.96 48.24 3.25
C GLY B 310 -12.90 47.17 2.20
N ILE B 311 -12.08 46.15 2.39
CA ILE B 311 -11.93 45.08 1.40
C ILE B 311 -12.00 43.74 2.11
N LYS B 312 -12.24 42.71 1.31
CA LYS B 312 -12.15 41.34 1.77
C LYS B 312 -11.27 40.56 0.80
N ALA B 313 -10.62 39.54 1.32
CA ALA B 313 -9.75 38.75 0.47
C ALA B 313 -9.80 37.30 0.93
N ASN B 314 -9.50 36.40 0.00
CA ASN B 314 -9.34 35.01 0.38
C ASN B 314 -8.27 34.39 -0.51
N PHE B 315 -7.60 33.39 0.03
CA PHE B 315 -6.58 32.69 -0.76
C PHE B 315 -6.13 31.45 0.00
N LYS B 316 -5.41 30.58 -0.70
CA LYS B 316 -4.92 29.33 -0.17
C LYS B 316 -3.41 29.32 -0.24
N ILE B 317 -2.75 29.05 0.89
CA ILE B 317 -1.31 28.83 0.93
C ILE B 317 -1.09 27.34 1.14
N ARG B 318 -0.13 26.77 0.40
CA ARG B 318 0.28 25.39 0.60
C ARG B 318 1.73 25.38 1.07
N HIS B 319 1.96 24.81 2.25
CA HIS B 319 3.29 24.70 2.82
C HIS B 319 3.86 23.31 2.55
N ASN B 320 5.10 23.25 2.10
CA ASN B 320 5.74 21.96 1.87
C ASN B 320 6.05 21.27 3.20
N VAL B 321 5.74 19.98 3.28
CA VAL B 321 5.99 19.15 4.44
C VAL B 321 7.15 18.20 4.17
N GLU B 322 7.92 17.91 5.22
CA GLU B 322 9.17 17.17 5.06
C GLU B 322 8.96 15.76 4.51
N ASP B 323 7.81 15.14 4.78
CA ASP B 323 7.52 13.81 4.25
C ASP B 323 7.07 13.86 2.80
N GLY B 324 7.09 15.04 2.17
CA GLY B 324 6.73 15.19 0.79
C GLY B 324 5.29 15.56 0.51
N SER B 325 4.44 15.63 1.52
CA SER B 325 3.06 16.04 1.32
C SER B 325 2.95 17.57 1.45
N VAL B 326 1.73 18.08 1.42
CA VAL B 326 1.46 19.51 1.47
C VAL B 326 0.48 19.80 2.60
N GLN B 327 0.65 20.94 3.24
CA GLN B 327 -0.26 21.39 4.29
C GLN B 327 -1.00 22.61 3.76
N LEU B 328 -2.31 22.50 3.64
CA LEU B 328 -3.14 23.60 3.14
C LEU B 328 -3.51 24.55 4.28
N ALA B 329 -3.45 25.85 3.99
CA ALA B 329 -3.80 26.92 4.93
C ALA B 329 -4.75 27.89 4.22
N ASP B 330 -6.04 27.82 4.58
CA ASP B 330 -7.10 28.63 3.97
C ASP B 330 -7.21 29.97 4.67
N HIS B 331 -6.91 31.04 3.94
CA HIS B 331 -6.88 32.39 4.47
C HIS B 331 -8.17 33.13 4.13
N TYR B 332 -8.80 33.68 5.16
CA TYR B 332 -9.91 34.60 5.04
C TYR B 332 -9.51 35.92 5.69
N GLN B 333 -9.73 37.02 4.98
CA GLN B 333 -9.15 38.30 5.37
C GLN B 333 -10.16 39.42 5.25
N GLN B 334 -10.14 40.34 6.21
CA GLN B 334 -10.96 41.55 6.21
C GLN B 334 -10.08 42.75 6.53
N ASN B 335 -10.21 43.81 5.76
CA ASN B 335 -9.50 45.06 6.02
C ASN B 335 -10.50 46.21 6.11
N THR B 336 -10.32 47.04 7.13
CA THR B 336 -11.19 48.17 7.40
C THR B 336 -10.30 49.38 7.66
N PRO B 337 -10.65 50.55 7.15
CA PRO B 337 -9.84 51.74 7.43
C PRO B 337 -9.94 52.13 8.90
N ILE B 338 -8.82 52.57 9.46
CA ILE B 338 -8.81 53.04 10.84
C ILE B 338 -9.33 54.46 10.92
N GLY B 339 -8.92 55.30 9.96
CA GLY B 339 -9.31 56.68 9.92
C GLY B 339 -10.69 56.88 9.34
N ASP B 340 -11.07 58.15 9.22
CA ASP B 340 -12.41 58.52 8.79
C ASP B 340 -12.42 59.19 7.42
N GLY B 341 -11.26 59.41 6.81
CA GLY B 341 -11.19 60.01 5.49
C GLY B 341 -11.51 59.02 4.39
N PRO B 342 -11.61 59.53 3.18
CA PRO B 342 -12.06 58.70 2.06
C PRO B 342 -10.97 57.73 1.63
N VAL B 343 -11.42 56.55 1.20
CA VAL B 343 -10.52 55.52 0.70
C VAL B 343 -11.03 55.02 -0.65
N LEU B 344 -10.14 54.35 -1.36
CA LEU B 344 -10.48 53.75 -2.64
C LEU B 344 -11.01 52.34 -2.43
N LEU B 345 -12.19 52.06 -2.97
CA LEU B 345 -12.73 50.70 -2.97
C LEU B 345 -12.58 50.12 -4.36
N PRO B 346 -11.83 49.03 -4.51
CA PRO B 346 -11.43 48.56 -5.85
C PRO B 346 -12.45 47.64 -6.50
N ASP B 347 -12.25 47.44 -7.81
CA ASP B 347 -12.85 46.30 -8.48
C ASP B 347 -12.13 45.01 -8.08
N ASN B 348 -12.75 43.88 -8.42
CA ASN B 348 -12.13 42.60 -8.12
C ASN B 348 -10.77 42.52 -8.80
N HIS B 349 -9.77 42.05 -8.05
CA HIS B 349 -8.45 41.85 -8.63
C HIS B 349 -7.67 40.92 -7.70
N TYR B 350 -6.38 40.76 -7.95
CA TYR B 350 -5.64 39.90 -7.05
C TYR B 350 -4.21 40.38 -6.89
N LEU B 351 -3.57 39.92 -5.83
CA LEU B 351 -2.14 40.14 -5.62
C LEU B 351 -1.39 38.86 -5.87
N SER B 352 -0.31 38.97 -6.63
CA SER B 352 0.59 37.87 -6.96
C SER B 352 1.88 38.10 -6.19
N THR B 353 2.22 37.16 -5.32
CA THR B 353 3.32 37.35 -4.40
C THR B 353 4.34 36.22 -4.54
N GLN B 354 5.62 36.57 -4.41
CA GLN B 354 6.71 35.59 -4.40
C GLN B 354 7.54 35.85 -3.15
N SER B 355 7.75 34.81 -2.36
CA SER B 355 8.50 34.92 -1.14
C SER B 355 9.76 34.08 -1.24
N VAL B 356 10.84 34.60 -0.66
CA VAL B 356 12.09 33.85 -0.48
C VAL B 356 12.51 33.97 0.97
N LEU B 357 12.47 32.85 1.69
CA LEU B 357 12.94 32.77 3.07
C LEU B 357 14.38 32.29 3.10
N SER B 358 15.17 32.87 4.01
CA SER B 358 16.56 32.46 4.20
C SER B 358 16.94 32.63 5.66
N LYS B 359 18.16 32.20 6.00
CA LYS B 359 18.71 32.29 7.34
C LYS B 359 19.89 33.25 7.35
N ASP B 360 20.09 33.91 8.50
CA ASP B 360 21.26 34.75 8.73
C ASP B 360 22.36 33.91 9.33
N PRO B 361 23.47 33.68 8.63
CA PRO B 361 24.52 32.82 9.21
C PRO B 361 25.10 33.35 10.51
N ASN B 362 24.88 34.63 10.84
CA ASN B 362 25.41 35.22 12.05
C ASN B 362 24.39 35.32 13.17
N GLU B 363 23.18 34.81 12.98
CA GLU B 363 22.11 34.96 13.96
C GLU B 363 21.95 33.68 14.76
N LYS B 364 22.00 33.81 16.09
CA LYS B 364 21.80 32.69 16.99
C LYS B 364 20.37 32.59 17.51
N ARG B 365 19.64 33.69 17.57
CA ARG B 365 18.24 33.60 17.92
C ARG B 365 17.45 32.94 16.80
N ASP B 366 16.33 32.33 17.18
CA ASP B 366 15.42 31.76 16.20
C ASP B 366 14.88 32.90 15.33
N HIS B 367 15.07 32.81 14.02
CA HIS B 367 14.84 33.96 13.18
C HIS B 367 14.50 33.52 11.76
N MET B 368 14.06 34.49 10.97
CA MET B 368 13.70 34.29 9.58
C MET B 368 14.06 35.56 8.81
N VAL B 369 14.80 35.42 7.71
CA VAL B 369 15.02 36.52 6.78
C VAL B 369 14.08 36.33 5.62
N LEU B 370 13.37 37.40 5.25
CA LEU B 370 12.28 37.33 4.28
C LEU B 370 12.47 38.40 3.23
N LEU B 371 12.51 37.99 1.98
CA LEU B 371 12.51 38.91 0.85
C LEU B 371 11.25 38.61 0.04
N GLU B 372 10.51 39.65 -0.32
CA GLU B 372 9.20 39.42 -0.92
C GLU B 372 8.93 40.39 -2.07
N PHE B 373 8.32 39.88 -3.13
CA PHE B 373 7.90 40.67 -4.28
C PHE B 373 6.41 40.50 -4.49
N VAL B 374 5.65 41.60 -4.49
CA VAL B 374 4.19 41.53 -4.62
C VAL B 374 3.70 42.51 -5.69
N THR B 375 2.90 42.00 -6.63
CA THR B 375 2.33 42.79 -7.71
C THR B 375 0.83 42.56 -7.83
N ALA B 376 0.07 43.63 -8.00
CA ALA B 376 -1.35 43.49 -8.28
C ALA B 376 -1.56 43.17 -9.75
N ALA B 377 -2.63 42.44 -10.03
CA ALA B 377 -2.97 42.00 -11.38
C ALA B 377 -4.45 41.64 -11.41
N GLY B 378 -4.88 41.05 -12.51
CA GLY B 378 -6.26 40.66 -12.69
C GLY B 378 -7.11 41.63 -13.46
N ILE B 379 -6.57 42.80 -13.81
CA ILE B 379 -7.26 43.75 -14.66
C ILE B 379 -6.38 44.00 -15.89
N THR B 380 -6.95 43.84 -17.08
CA THR B 380 -6.17 43.94 -18.30
C THR B 380 -5.66 45.37 -18.51
N HIS B 381 -4.40 45.48 -18.94
CA HIS B 381 -3.82 46.78 -19.31
C HIS B 381 -3.79 46.92 -20.83
N HIS B 382 -3.33 48.08 -21.30
CA HIS B 382 -3.36 48.37 -22.71
C HIS B 382 -2.19 49.27 -23.08
N HIS B 383 -2.00 49.41 -24.40
CA HIS B 383 -1.01 50.33 -24.97
C HIS B 383 0.38 50.00 -24.47
N HIS B 384 0.66 48.71 -24.38
CA HIS B 384 1.99 48.23 -24.04
C HIS B 384 3.07 48.95 -24.84
N HIS B 385 2.80 49.25 -26.11
CA HIS B 385 3.81 49.82 -26.97
C HIS B 385 3.93 51.33 -26.84
N HIS B 386 3.31 51.95 -25.85
CA HIS B 386 3.41 53.39 -25.72
C HIS B 386 3.71 53.86 -24.31
N HIS B 387 3.82 52.95 -23.35
CA HIS B 387 4.41 53.29 -22.06
C HIS B 387 5.24 52.09 -21.60
N HIS B 388 6.30 52.36 -20.86
CA HIS B 388 6.98 51.29 -20.15
C HIS B 388 6.07 50.83 -19.01
N HIS B 389 5.33 49.76 -19.25
CA HIS B 389 4.34 49.30 -18.29
C HIS B 389 5.00 48.60 -17.11
N HIS B 390 4.53 48.90 -15.90
CA HIS B 390 5.08 48.28 -14.71
C HIS B 390 4.25 48.58 -13.46
#